data_2HEN
#
_entry.id   2HEN
#
_cell.length_a   60.798
_cell.length_b   98.304
_cell.length_c   114.168
_cell.angle_alpha   90.00
_cell.angle_beta   90.18
_cell.angle_gamma   90.00
#
_symmetry.space_group_name_H-M   'P 1 21 1'
#
loop_
_entity.id
_entity.type
_entity.pdbx_description
1 polymer 'Ephrin type-B receptor 2'
2 non-polymer 'MAGNESIUM ION'
3 non-polymer "ADENOSINE-5'-DIPHOSPHATE"
4 water water
#
_entity_poly.entity_id   1
_entity_poly.type   'polypeptide(L)'
_entity_poly.pdbx_seq_one_letter_code
;SKEIDISCVKIEQVIGAGEFGEVCSGHLKLPGKREIFVAIKTLKSGYTEKQRRDFLSEASIMGQFDHPNVIHLEGVVTKS
TPVMIITEFMENGSLDSFLRQNDGQFTVIQLVGMLRGIAAGMKYLADMNYVHRALAARNILVNSNLVCKVSDFGLSRFLE
DDTSDPTYTSALGGKIPIRWTAPEAIQYRKFTSASDVWSYGIVMWEVMSYGERPYWDMTNQDVINAIEQDYRLPPPMDCP
SALHQLMLDCWQKDRNHRPKFGQIVNTLDKMIRNPNSLKAMAPLSS
;
_entity_poly.pdbx_strand_id   A,B,C,D
#
loop_
_chem_comp.id
_chem_comp.type
_chem_comp.name
_chem_comp.formula
ADP non-polymer ADENOSINE-5'-DIPHOSPHATE 'C10 H15 N5 O10 P2'
MG non-polymer 'MAGNESIUM ION' 'Mg 2'
#
# COMPACT_ATOMS: atom_id res chain seq x y z
N SER A 1 6.01 -9.35 -42.79
CA SER A 1 6.81 -9.56 -44.04
C SER A 1 7.66 -8.36 -44.41
N LYS A 2 7.34 -7.81 -45.58
CA LYS A 2 8.02 -6.66 -46.15
C LYS A 2 8.35 -5.56 -45.11
N GLU A 3 9.59 -5.06 -45.15
CA GLU A 3 10.04 -4.00 -44.25
C GLU A 3 9.68 -2.65 -44.90
N ILE A 4 8.94 -1.81 -44.19
CA ILE A 4 8.53 -0.51 -44.72
C ILE A 4 9.32 0.62 -44.07
N ASP A 5 9.72 1.60 -44.87
CA ASP A 5 10.47 2.77 -44.40
C ASP A 5 9.47 3.77 -43.80
N ILE A 6 9.78 4.26 -42.60
CA ILE A 6 8.91 5.20 -41.89
C ILE A 6 8.51 6.42 -42.75
N SER A 7 9.34 6.74 -43.75
CA SER A 7 9.09 7.87 -44.64
C SER A 7 7.83 7.69 -45.47
N CYS A 8 7.38 6.45 -45.59
CA CYS A 8 6.17 6.12 -46.37
C CYS A 8 4.90 6.11 -45.53
N VAL A 9 5.06 6.27 -44.21
CA VAL A 9 3.95 6.23 -43.27
C VAL A 9 3.63 7.57 -42.61
N LYS A 10 2.34 7.91 -42.58
CA LYS A 10 1.90 9.14 -41.96
C LYS A 10 0.69 8.82 -41.10
N ILE A 11 0.91 8.65 -39.80
CA ILE A 11 -0.16 8.34 -38.86
C ILE A 11 -1.18 9.47 -38.79
N GLU A 12 -2.47 9.13 -38.78
CA GLU A 12 -3.55 10.12 -38.72
C GLU A 12 -4.19 10.28 -37.34
N GLN A 13 -4.61 9.17 -36.73
CA GLN A 13 -5.23 9.20 -35.41
C GLN A 13 -5.40 7.84 -34.76
N VAL A 14 -5.69 7.85 -33.47
CA VAL A 14 -5.90 6.62 -32.73
C VAL A 14 -7.29 6.07 -32.97
N ILE A 15 -7.39 4.79 -33.30
CA ILE A 15 -8.70 4.19 -33.55
C ILE A 15 -9.00 3.02 -32.60
N GLY A 16 -7.99 2.59 -31.85
CA GLY A 16 -8.19 1.50 -30.91
C GLY A 16 -6.95 1.28 -30.04
N ALA A 17 -7.07 0.42 -29.02
CA ALA A 17 -5.95 0.14 -28.15
C ALA A 17 -5.62 -1.35 -28.15
N GLY A 18 -4.41 -1.70 -28.59
CA GLY A 18 -4.01 -3.09 -28.62
C GLY A 18 -3.31 -3.44 -27.31
N GLU A 19 -2.99 -4.71 -27.09
CA GLU A 19 -2.33 -5.11 -25.85
C GLU A 19 -0.85 -4.72 -25.82
N PHE A 20 -0.29 -4.47 -27.00
CA PHE A 20 1.12 -4.10 -27.13
C PHE A 20 1.30 -2.61 -27.37
N GLY A 21 0.21 -1.91 -27.65
CA GLY A 21 0.31 -0.49 -27.90
C GLY A 21 -0.90 0.03 -28.62
N GLU A 22 -0.87 1.31 -28.99
CA GLU A 22 -2.02 1.89 -29.68
C GLU A 22 -2.21 1.36 -31.11
N VAL A 23 -3.43 1.51 -31.61
CA VAL A 23 -3.78 1.11 -32.96
C VAL A 23 -4.26 2.40 -33.67
N CYS A 24 -3.67 2.71 -34.83
CA CYS A 24 -4.01 3.94 -35.54
C CYS A 24 -4.45 3.72 -36.97
N SER A 25 -4.79 4.82 -37.61
CA SER A 25 -5.16 4.77 -38.99
C SER A 25 -4.24 5.80 -39.65
N GLY A 26 -4.02 5.67 -40.96
CA GLY A 26 -3.14 6.61 -41.63
C GLY A 26 -2.99 6.35 -43.12
N HIS A 27 -2.02 7.00 -43.74
CA HIS A 27 -1.80 6.80 -45.17
C HIS A 27 -0.47 6.11 -45.40
N LEU A 28 -0.42 5.31 -46.45
CA LEU A 28 0.80 4.60 -46.81
C LEU A 28 1.09 4.93 -48.28
N LYS A 29 2.26 5.52 -48.53
CA LYS A 29 2.67 5.88 -49.87
C LYS A 29 4.04 5.30 -50.21
N LEU A 30 4.07 4.11 -50.80
CA LEU A 30 5.34 3.51 -51.19
C LEU A 30 5.81 4.12 -52.51
N PRO A 31 7.12 4.10 -52.78
CA PRO A 31 7.67 4.66 -54.01
C PRO A 31 7.00 4.05 -55.25
N GLY A 32 6.42 4.91 -56.08
CA GLY A 32 5.75 4.45 -57.29
C GLY A 32 4.29 4.09 -57.11
N LYS A 33 3.98 3.31 -56.07
CA LYS A 33 2.61 2.90 -55.81
C LYS A 33 1.74 4.07 -55.33
N ARG A 34 0.42 3.89 -55.42
CA ARG A 34 -0.53 4.92 -55.02
C ARG A 34 -0.86 4.88 -53.53
N GLU A 35 -0.96 6.06 -52.94
CA GLU A 35 -1.25 6.21 -51.52
C GLU A 35 -2.54 5.47 -51.17
N ILE A 36 -2.54 4.84 -49.99
CA ILE A 36 -3.70 4.10 -49.51
C ILE A 36 -3.92 4.31 -48.01
N PHE A 37 -5.16 4.14 -47.58
CA PHE A 37 -5.50 4.31 -46.17
C PHE A 37 -5.25 2.95 -45.52
N VAL A 38 -4.62 2.96 -44.35
CA VAL A 38 -4.30 1.72 -43.66
C VAL A 38 -4.48 1.79 -42.15
N ALA A 39 -4.27 0.63 -41.51
CA ALA A 39 -4.36 0.51 -40.07
C ALA A 39 -2.92 0.33 -39.59
N ILE A 40 -2.57 0.98 -38.49
CA ILE A 40 -1.21 0.93 -37.98
C ILE A 40 -1.12 0.57 -36.50
N LYS A 41 -0.58 -0.61 -36.24
CA LYS A 41 -0.41 -1.05 -34.86
C LYS A 41 0.99 -0.63 -34.42
N THR A 42 1.07 0.07 -33.28
CA THR A 42 2.37 0.49 -32.79
C THR A 42 2.70 -0.23 -31.51
N LEU A 43 4.00 -0.27 -31.20
CA LEU A 43 4.50 -0.90 -29.98
C LEU A 43 4.90 0.24 -29.02
N LYS A 44 4.40 0.17 -27.78
CA LYS A 44 4.70 1.18 -26.78
C LYS A 44 6.19 1.11 -26.47
N SER A 45 6.83 2.27 -26.35
CA SER A 45 8.26 2.33 -26.08
C SER A 45 8.59 1.76 -24.70
N GLY A 46 9.87 1.43 -24.49
CA GLY A 46 10.30 0.87 -23.22
C GLY A 46 9.95 -0.60 -23.12
N TYR A 47 9.56 -1.15 -24.27
CA TYR A 47 9.17 -2.55 -24.40
C TYR A 47 10.31 -3.51 -24.09
N THR A 48 9.95 -4.71 -23.64
CA THR A 48 10.93 -5.75 -23.34
C THR A 48 11.20 -6.47 -24.64
N GLU A 49 12.33 -7.15 -24.73
CA GLU A 49 12.63 -7.85 -25.96
C GLU A 49 11.55 -8.87 -26.29
N LYS A 50 11.00 -9.53 -25.27
CA LYS A 50 9.96 -10.52 -25.48
C LYS A 50 8.72 -9.86 -26.09
N GLN A 51 8.34 -8.73 -25.52
CA GLN A 51 7.18 -7.99 -26.00
C GLN A 51 7.37 -7.63 -27.47
N ARG A 52 8.57 -7.17 -27.81
CA ARG A 52 8.85 -6.80 -29.20
C ARG A 52 8.66 -8.00 -30.14
N ARG A 53 9.24 -9.14 -29.77
CA ARG A 53 9.15 -10.36 -30.56
C ARG A 53 7.74 -10.91 -30.65
N ASP A 54 6.99 -10.84 -29.56
CA ASP A 54 5.62 -11.34 -29.58
C ASP A 54 4.77 -10.48 -30.48
N PHE A 55 4.96 -9.18 -30.37
CA PHE A 55 4.23 -8.22 -31.17
C PHE A 55 4.46 -8.47 -32.65
N LEU A 56 5.73 -8.52 -33.04
CA LEU A 56 6.08 -8.76 -34.43
C LEU A 56 5.77 -10.17 -34.92
N SER A 57 5.54 -11.10 -34.00
CA SER A 57 5.24 -12.48 -34.39
C SER A 57 3.93 -12.49 -35.17
N GLU A 58 2.98 -11.69 -34.70
CA GLU A 58 1.67 -11.58 -35.34
C GLU A 58 1.83 -11.28 -36.82
N ALA A 59 2.77 -10.39 -37.14
CA ALA A 59 3.01 -10.01 -38.52
C ALA A 59 3.63 -11.15 -39.32
N SER A 60 4.53 -11.89 -38.67
CA SER A 60 5.20 -13.01 -39.32
C SER A 60 4.20 -14.10 -39.68
N ILE A 61 3.25 -14.32 -38.77
CA ILE A 61 2.23 -15.34 -38.99
C ILE A 61 1.31 -14.96 -40.16
N MET A 62 0.59 -13.84 -40.04
CA MET A 62 -0.33 -13.43 -41.11
C MET A 62 0.37 -13.08 -42.41
N GLY A 63 1.66 -12.79 -42.32
CA GLY A 63 2.39 -12.46 -43.52
C GLY A 63 2.43 -13.66 -44.45
N GLN A 64 2.36 -14.86 -43.87
CA GLN A 64 2.43 -16.07 -44.67
C GLN A 64 1.10 -16.41 -45.35
N PHE A 65 0.09 -15.61 -45.09
CA PHE A 65 -1.22 -15.84 -45.69
C PHE A 65 -1.59 -14.75 -46.68
N ASP A 66 -2.57 -15.06 -47.53
CA ASP A 66 -3.04 -14.14 -48.55
C ASP A 66 -4.41 -14.58 -49.07
N HIS A 67 -5.46 -13.98 -48.50
CA HIS A 67 -6.83 -14.33 -48.86
C HIS A 67 -7.71 -13.14 -48.53
N PRO A 68 -8.76 -12.93 -49.33
CA PRO A 68 -9.68 -11.81 -49.12
C PRO A 68 -10.43 -11.85 -47.77
N ASN A 69 -10.44 -13.00 -47.12
CA ASN A 69 -11.13 -13.11 -45.84
C ASN A 69 -10.16 -13.31 -44.69
N VAL A 70 -8.92 -12.85 -44.92
CA VAL A 70 -7.87 -12.88 -43.92
C VAL A 70 -7.16 -11.53 -43.99
N ILE A 71 -7.10 -10.83 -42.85
CA ILE A 71 -6.47 -9.51 -42.80
C ILE A 71 -5.17 -9.39 -43.59
N HIS A 72 -5.17 -8.49 -44.56
CA HIS A 72 -4.00 -8.28 -45.41
C HIS A 72 -2.89 -7.49 -44.69
N LEU A 73 -1.67 -7.98 -44.80
CA LEU A 73 -0.51 -7.33 -44.19
C LEU A 73 0.20 -6.47 -45.23
N GLU A 74 0.36 -5.18 -44.95
CA GLU A 74 1.06 -4.30 -45.90
C GLU A 74 2.57 -4.47 -45.62
N GLY A 75 2.95 -4.50 -44.35
CA GLY A 75 4.34 -4.66 -43.99
C GLY A 75 4.64 -4.30 -42.54
N VAL A 76 5.90 -4.04 -42.24
CA VAL A 76 6.27 -3.69 -40.88
C VAL A 76 7.39 -2.66 -40.81
N VAL A 77 7.49 -1.98 -39.67
CA VAL A 77 8.54 -0.99 -39.45
C VAL A 77 9.27 -1.39 -38.19
N THR A 78 10.53 -1.81 -38.37
CA THR A 78 11.35 -2.27 -37.26
C THR A 78 12.69 -1.57 -37.16
N LYS A 79 13.19 -1.03 -38.27
CA LYS A 79 14.48 -0.34 -38.28
C LYS A 79 14.48 0.93 -37.44
N SER A 80 13.35 1.62 -37.42
CA SER A 80 13.24 2.85 -36.65
C SER A 80 12.06 2.77 -35.71
N THR A 81 11.94 3.74 -34.81
CA THR A 81 10.84 3.75 -33.86
C THR A 81 9.79 4.78 -34.23
N PRO A 82 8.53 4.51 -33.87
CA PRO A 82 8.09 3.30 -33.17
C PRO A 82 7.95 2.07 -34.06
N VAL A 83 8.03 0.89 -33.47
CA VAL A 83 7.88 -0.34 -34.22
C VAL A 83 6.42 -0.38 -34.70
N MET A 84 6.19 -0.74 -35.95
CA MET A 84 4.82 -0.78 -36.50
C MET A 84 4.45 -2.02 -37.30
N ILE A 85 3.16 -2.32 -37.33
CA ILE A 85 2.63 -3.44 -38.11
C ILE A 85 1.48 -2.84 -38.92
N ILE A 86 1.76 -2.48 -40.17
CA ILE A 86 0.71 -1.89 -41.01
C ILE A 86 -0.11 -2.96 -41.72
N THR A 87 -1.43 -2.79 -41.68
CA THR A 87 -2.32 -3.75 -42.33
C THR A 87 -3.52 -3.07 -42.97
N GLU A 88 -4.40 -3.90 -43.52
CA GLU A 88 -5.63 -3.48 -44.18
C GLU A 88 -6.47 -2.70 -43.20
N PHE A 89 -7.24 -1.73 -43.71
CA PHE A 89 -8.12 -0.92 -42.86
C PHE A 89 -9.53 -1.46 -42.86
N MET A 90 -10.05 -1.74 -41.65
CA MET A 90 -11.40 -2.27 -41.50
C MET A 90 -12.26 -1.29 -40.70
N GLU A 91 -12.94 -0.40 -41.42
CA GLU A 91 -13.76 0.62 -40.80
C GLU A 91 -14.69 0.19 -39.67
N ASN A 92 -15.30 -0.99 -39.79
CA ASN A 92 -16.23 -1.43 -38.75
C ASN A 92 -15.63 -2.17 -37.55
N GLY A 93 -14.30 -2.26 -37.52
CA GLY A 93 -13.63 -2.91 -36.41
C GLY A 93 -14.08 -4.33 -36.12
N SER A 94 -14.04 -4.71 -34.84
CA SER A 94 -14.43 -6.04 -34.40
C SER A 94 -15.89 -6.39 -34.69
N LEU A 95 -16.12 -7.64 -35.07
CA LEU A 95 -17.45 -8.11 -35.44
C LEU A 95 -18.45 -8.16 -34.28
N ASP A 96 -18.01 -8.64 -33.12
CA ASP A 96 -18.91 -8.73 -31.98
C ASP A 96 -19.43 -7.37 -31.52
N SER A 97 -18.52 -6.41 -31.34
CA SER A 97 -18.95 -5.08 -30.94
C SER A 97 -19.74 -4.46 -32.09
N PHE A 98 -19.34 -4.76 -33.33
CA PHE A 98 -20.03 -4.21 -34.48
C PHE A 98 -21.48 -4.66 -34.53
N LEU A 99 -21.72 -5.93 -34.21
CA LEU A 99 -23.06 -6.49 -34.23
C LEU A 99 -23.90 -6.00 -33.06
N ARG A 100 -23.27 -5.70 -31.94
CA ARG A 100 -23.99 -5.19 -30.78
C ARG A 100 -24.60 -3.82 -31.06
N GLN A 101 -23.90 -3.05 -31.90
CA GLN A 101 -24.34 -1.71 -32.26
C GLN A 101 -25.34 -1.74 -33.39
N ASN A 102 -25.65 -2.94 -33.88
CA ASN A 102 -26.61 -3.05 -34.97
C ASN A 102 -27.56 -4.21 -34.72
N ASP A 103 -28.08 -4.27 -33.50
CA ASP A 103 -28.98 -5.34 -33.11
C ASP A 103 -30.21 -5.41 -34.01
N GLY A 104 -30.33 -6.53 -34.73
CA GLY A 104 -31.45 -6.75 -35.63
C GLY A 104 -31.56 -5.78 -36.79
N GLN A 105 -30.42 -5.34 -37.31
CA GLN A 105 -30.42 -4.40 -38.43
C GLN A 105 -30.02 -5.03 -39.76
N PHE A 106 -29.87 -6.35 -39.78
CA PHE A 106 -29.47 -7.05 -41.01
C PHE A 106 -30.42 -8.18 -41.39
N THR A 107 -30.41 -8.53 -42.68
CA THR A 107 -31.26 -9.60 -43.16
C THR A 107 -30.51 -10.93 -42.99
N VAL A 108 -31.24 -12.04 -42.98
CA VAL A 108 -30.61 -13.33 -42.84
C VAL A 108 -29.56 -13.52 -43.92
N ILE A 109 -29.84 -12.99 -45.11
CA ILE A 109 -28.91 -13.11 -46.21
C ILE A 109 -27.62 -12.35 -45.94
N GLN A 110 -27.71 -11.23 -45.24
CA GLN A 110 -26.52 -10.45 -44.96
C GLN A 110 -25.66 -11.20 -43.96
N LEU A 111 -26.31 -11.65 -42.88
CA LEU A 111 -25.64 -12.41 -41.84
C LEU A 111 -24.96 -13.65 -42.44
N VAL A 112 -25.70 -14.38 -43.28
CA VAL A 112 -25.15 -15.57 -43.92
C VAL A 112 -23.92 -15.20 -44.74
N GLY A 113 -23.98 -14.01 -45.34
CA GLY A 113 -22.86 -13.53 -46.13
C GLY A 113 -21.65 -13.35 -45.25
N MET A 114 -21.84 -12.77 -44.07
CA MET A 114 -20.73 -12.55 -43.16
C MET A 114 -20.12 -13.88 -42.74
N LEU A 115 -20.99 -14.86 -42.46
CA LEU A 115 -20.54 -16.18 -42.05
C LEU A 115 -19.84 -16.96 -43.15
N ARG A 116 -20.19 -16.66 -44.40
CA ARG A 116 -19.61 -17.35 -45.55
C ARG A 116 -18.15 -16.89 -45.71
N GLY A 117 -17.93 -15.58 -45.58
CA GLY A 117 -16.60 -15.03 -45.69
C GLY A 117 -15.67 -15.62 -44.63
N ILE A 118 -16.17 -15.68 -43.39
CA ILE A 118 -15.42 -16.23 -42.29
C ILE A 118 -15.10 -17.69 -42.58
N ALA A 119 -16.08 -18.38 -43.16
CA ALA A 119 -15.92 -19.80 -43.51
C ALA A 119 -14.90 -19.97 -44.61
N ALA A 120 -14.89 -19.04 -45.56
CA ALA A 120 -13.94 -19.12 -46.67
C ALA A 120 -12.54 -18.90 -46.14
N GLY A 121 -12.39 -17.90 -45.27
CA GLY A 121 -11.11 -17.62 -44.68
C GLY A 121 -10.58 -18.79 -43.87
N MET A 122 -11.45 -19.43 -43.11
CA MET A 122 -11.00 -20.57 -42.31
C MET A 122 -10.70 -21.77 -43.20
N LYS A 123 -11.42 -21.87 -44.31
CA LYS A 123 -11.21 -22.96 -45.26
C LYS A 123 -9.81 -22.75 -45.85
N TYR A 124 -9.49 -21.51 -46.18
CA TYR A 124 -8.18 -21.19 -46.72
C TYR A 124 -7.11 -21.56 -45.69
N LEU A 125 -7.27 -21.08 -44.47
CA LEU A 125 -6.31 -21.35 -43.41
C LEU A 125 -6.11 -22.85 -43.19
N ALA A 126 -7.21 -23.60 -43.15
CA ALA A 126 -7.15 -25.03 -42.95
C ALA A 126 -6.35 -25.65 -44.10
N ASP A 127 -6.63 -25.24 -45.33
CA ASP A 127 -5.89 -25.78 -46.45
C ASP A 127 -4.40 -25.44 -46.30
N MET A 128 -4.09 -24.26 -45.75
CA MET A 128 -2.69 -23.88 -45.55
C MET A 128 -2.11 -24.54 -44.31
N ASN A 129 -2.89 -25.45 -43.73
CA ASN A 129 -2.49 -26.21 -42.55
C ASN A 129 -2.28 -25.34 -41.31
N TYR A 130 -3.12 -24.32 -41.15
CA TYR A 130 -3.02 -23.44 -40.00
C TYR A 130 -4.18 -23.63 -39.04
N VAL A 131 -3.88 -23.81 -37.76
CA VAL A 131 -4.93 -23.97 -36.77
C VAL A 131 -5.01 -22.68 -35.97
N HIS A 132 -6.12 -21.96 -36.10
CA HIS A 132 -6.28 -20.70 -35.41
C HIS A 132 -6.26 -20.80 -33.90
N ARG A 133 -7.07 -21.72 -33.38
CA ARG A 133 -7.21 -22.01 -31.95
C ARG A 133 -8.01 -20.96 -31.19
N ALA A 134 -8.11 -19.76 -31.74
CA ALA A 134 -8.82 -18.69 -31.07
C ALA A 134 -9.92 -18.05 -31.89
N LEU A 135 -10.57 -18.84 -32.73
CA LEU A 135 -11.64 -18.30 -33.56
C LEU A 135 -12.82 -17.81 -32.71
N ALA A 136 -13.16 -16.54 -32.84
CA ALA A 136 -14.28 -15.97 -32.11
C ALA A 136 -14.64 -14.64 -32.76
N ALA A 137 -15.89 -14.19 -32.59
CA ALA A 137 -16.33 -12.95 -33.20
C ALA A 137 -15.42 -11.76 -32.91
N ARG A 138 -14.88 -11.70 -31.70
CA ARG A 138 -14.00 -10.61 -31.35
C ARG A 138 -12.69 -10.63 -32.14
N ASN A 139 -12.39 -11.73 -32.82
CA ASN A 139 -11.15 -11.79 -33.57
C ASN A 139 -11.32 -11.70 -35.08
N ILE A 140 -12.50 -11.25 -35.51
CA ILE A 140 -12.80 -11.08 -36.91
C ILE A 140 -13.09 -9.60 -37.19
N LEU A 141 -12.44 -9.01 -38.19
CA LEU A 141 -12.68 -7.62 -38.52
C LEU A 141 -13.67 -7.50 -39.68
N VAL A 142 -14.39 -6.39 -39.74
CA VAL A 142 -15.39 -6.12 -40.76
C VAL A 142 -15.17 -4.77 -41.43
N ASN A 143 -15.35 -4.71 -42.75
CA ASN A 143 -15.16 -3.45 -43.46
C ASN A 143 -16.50 -2.82 -43.83
N SER A 144 -16.45 -1.76 -44.63
CA SER A 144 -17.66 -1.05 -45.03
C SER A 144 -18.69 -1.93 -45.74
N ASN A 145 -18.21 -2.77 -46.67
CA ASN A 145 -19.08 -3.66 -47.43
C ASN A 145 -19.52 -4.84 -46.56
N LEU A 146 -19.13 -4.85 -45.30
CA LEU A 146 -19.50 -5.93 -44.38
C LEU A 146 -18.70 -7.22 -44.59
N VAL A 147 -17.57 -7.12 -45.29
CA VAL A 147 -16.73 -8.29 -45.53
C VAL A 147 -15.99 -8.60 -44.24
N CYS A 148 -16.09 -9.84 -43.79
CA CYS A 148 -15.46 -10.23 -42.55
C CYS A 148 -14.19 -10.97 -42.84
N LYS A 149 -13.17 -10.66 -42.05
CA LYS A 149 -11.88 -11.31 -42.23
C LYS A 149 -11.34 -11.77 -40.90
N VAL A 150 -10.65 -12.91 -40.93
CA VAL A 150 -10.02 -13.51 -39.75
C VAL A 150 -8.80 -12.70 -39.38
N SER A 151 -8.64 -12.45 -38.09
CA SER A 151 -7.50 -11.69 -37.56
C SER A 151 -6.91 -12.41 -36.37
N ASP A 152 -6.08 -11.70 -35.64
CA ASP A 152 -5.44 -12.22 -34.44
C ASP A 152 -4.59 -13.43 -34.71
N PHE A 153 -3.46 -13.23 -35.38
CA PHE A 153 -2.55 -14.33 -35.68
C PHE A 153 -1.33 -14.28 -34.76
N GLY A 154 -1.41 -13.41 -33.75
CA GLY A 154 -0.32 -13.28 -32.80
C GLY A 154 -0.41 -14.26 -31.65
N PRO A 177 -9.95 -19.49 -24.23
CA PRO A 177 -11.36 -19.14 -24.44
C PRO A 177 -12.24 -20.38 -24.35
N ILE A 178 -12.51 -20.80 -23.11
CA ILE A 178 -13.32 -21.99 -22.85
C ILE A 178 -14.59 -22.11 -23.70
N ARG A 179 -15.53 -21.20 -23.50
CA ARG A 179 -16.79 -21.26 -24.23
C ARG A 179 -16.70 -21.27 -25.75
N TRP A 180 -15.50 -21.04 -26.28
CA TRP A 180 -15.24 -21.03 -27.72
C TRP A 180 -14.45 -22.26 -28.15
N THR A 181 -13.94 -23.01 -27.19
CA THR A 181 -13.11 -24.17 -27.52
C THR A 181 -13.82 -25.54 -27.45
N ALA A 182 -13.41 -26.44 -28.35
CA ALA A 182 -13.97 -27.79 -28.41
C ALA A 182 -13.54 -28.61 -27.21
N PRO A 183 -14.43 -29.52 -26.75
CA PRO A 183 -14.17 -30.40 -25.60
C PRO A 183 -12.78 -31.02 -25.58
N GLU A 184 -12.37 -31.61 -26.71
CA GLU A 184 -11.06 -32.26 -26.78
C GLU A 184 -9.92 -31.27 -26.61
N ALA A 185 -10.06 -30.09 -27.18
CA ALA A 185 -9.01 -29.10 -27.10
C ALA A 185 -8.82 -28.60 -25.66
N ILE A 186 -9.91 -28.57 -24.91
CA ILE A 186 -9.88 -28.12 -23.53
C ILE A 186 -9.31 -29.18 -22.59
N GLN A 187 -9.69 -30.43 -22.83
CA GLN A 187 -9.26 -31.54 -21.99
C GLN A 187 -7.86 -32.07 -22.25
N TYR A 188 -7.54 -32.28 -23.53
CA TYR A 188 -6.24 -32.83 -23.91
C TYR A 188 -5.37 -31.85 -24.68
N ARG A 189 -5.80 -30.60 -24.74
CA ARG A 189 -5.06 -29.57 -25.46
C ARG A 189 -4.81 -29.97 -26.92
N LYS A 190 -5.75 -30.73 -27.48
CA LYS A 190 -5.65 -31.18 -28.85
C LYS A 190 -6.38 -30.23 -29.83
N PHE A 191 -5.63 -29.33 -30.43
CA PHE A 191 -6.19 -28.37 -31.36
C PHE A 191 -5.98 -28.79 -32.80
N THR A 192 -7.06 -28.78 -33.57
CA THR A 192 -7.01 -29.17 -34.97
C THR A 192 -8.00 -28.30 -35.72
N SER A 193 -8.03 -28.39 -37.04
CA SER A 193 -8.98 -27.62 -37.81
C SER A 193 -10.38 -27.99 -37.32
N ALA A 194 -10.51 -29.24 -36.88
CA ALA A 194 -11.79 -29.74 -36.37
C ALA A 194 -12.25 -28.94 -35.16
N SER A 195 -11.33 -28.62 -34.25
CA SER A 195 -11.69 -27.84 -33.07
C SER A 195 -11.99 -26.40 -33.50
N ASP A 196 -11.43 -25.98 -34.64
CA ASP A 196 -11.73 -24.65 -35.12
C ASP A 196 -13.17 -24.62 -35.64
N VAL A 197 -13.62 -25.75 -36.19
CA VAL A 197 -14.99 -25.87 -36.70
C VAL A 197 -15.97 -25.73 -35.55
N TRP A 198 -15.58 -26.25 -34.39
CA TRP A 198 -16.45 -26.12 -33.21
C TRP A 198 -16.55 -24.63 -32.86
N SER A 199 -15.38 -23.98 -32.80
CA SER A 199 -15.27 -22.55 -32.52
C SER A 199 -16.12 -21.80 -33.56
N TYR A 200 -16.03 -22.23 -34.82
CA TYR A 200 -16.79 -21.58 -35.86
C TYR A 200 -18.27 -21.69 -35.51
N GLY A 201 -18.65 -22.81 -34.91
CA GLY A 201 -20.04 -22.98 -34.51
C GLY A 201 -20.44 -21.88 -33.55
N ILE A 202 -19.61 -21.64 -32.52
CA ILE A 202 -19.91 -20.60 -31.55
C ILE A 202 -20.01 -19.25 -32.23
N VAL A 203 -19.10 -19.00 -33.18
CA VAL A 203 -19.10 -17.77 -33.93
C VAL A 203 -20.45 -17.59 -34.65
N MET A 204 -20.94 -18.66 -35.28
CA MET A 204 -22.23 -18.58 -35.97
C MET A 204 -23.31 -18.14 -35.03
N TRP A 205 -23.20 -18.57 -33.78
CA TRP A 205 -24.18 -18.22 -32.77
C TRP A 205 -24.02 -16.75 -32.43
N GLU A 206 -22.79 -16.31 -32.29
CA GLU A 206 -22.52 -14.91 -31.96
C GLU A 206 -23.10 -13.98 -33.01
N VAL A 207 -22.91 -14.34 -34.28
CA VAL A 207 -23.42 -13.53 -35.37
C VAL A 207 -24.93 -13.45 -35.37
N MET A 208 -25.59 -14.60 -35.35
CA MET A 208 -27.06 -14.63 -35.35
C MET A 208 -27.62 -14.06 -34.05
N SER A 209 -26.76 -13.88 -33.06
CA SER A 209 -27.20 -13.31 -31.78
C SER A 209 -26.88 -11.83 -31.69
N TYR A 210 -26.26 -11.30 -32.73
CA TYR A 210 -25.87 -9.92 -32.74
C TYR A 210 -24.94 -9.54 -31.59
N GLY A 211 -23.91 -10.35 -31.39
CA GLY A 211 -22.94 -10.04 -30.34
C GLY A 211 -23.17 -10.57 -28.95
N GLU A 212 -24.28 -11.27 -28.75
CA GLU A 212 -24.56 -11.82 -27.44
C GLU A 212 -23.39 -12.72 -27.07
N ARG A 213 -23.07 -12.73 -25.78
CA ARG A 213 -21.99 -13.56 -25.26
C ARG A 213 -22.46 -15.02 -25.21
N PRO A 214 -21.66 -15.94 -25.78
CA PRO A 214 -21.98 -17.37 -25.79
C PRO A 214 -22.21 -17.89 -24.37
N TYR A 215 -23.30 -18.65 -24.18
CA TYR A 215 -23.69 -19.22 -22.90
C TYR A 215 -24.01 -18.17 -21.83
N TRP A 216 -24.22 -16.94 -22.30
CA TRP A 216 -24.59 -15.82 -21.44
C TRP A 216 -23.72 -15.64 -20.19
N ASP A 217 -24.37 -15.55 -19.03
CA ASP A 217 -23.65 -15.36 -17.78
C ASP A 217 -23.18 -16.67 -17.17
N MET A 218 -23.35 -17.79 -17.88
CA MET A 218 -22.91 -19.08 -17.36
C MET A 218 -21.41 -19.03 -17.08
N THR A 219 -20.99 -19.76 -16.06
CA THR A 219 -19.57 -19.78 -15.70
C THR A 219 -18.83 -20.72 -16.64
N ASN A 220 -17.53 -20.49 -16.80
CA ASN A 220 -16.77 -21.36 -17.68
C ASN A 220 -16.89 -22.81 -17.29
N GLN A 221 -16.98 -23.08 -15.99
CA GLN A 221 -17.10 -24.45 -15.50
C GLN A 221 -18.49 -24.97 -15.80
N ASP A 222 -19.48 -24.09 -15.69
CA ASP A 222 -20.83 -24.50 -15.97
C ASP A 222 -20.92 -24.86 -17.43
N VAL A 223 -20.21 -24.09 -18.26
CA VAL A 223 -20.22 -24.36 -19.68
C VAL A 223 -19.66 -25.75 -19.94
N ILE A 224 -18.56 -26.06 -19.27
CA ILE A 224 -17.92 -27.37 -19.43
C ILE A 224 -18.85 -28.51 -18.99
N ASN A 225 -19.49 -28.34 -17.83
CA ASN A 225 -20.41 -29.36 -17.33
C ASN A 225 -21.64 -29.47 -18.23
N ALA A 226 -22.10 -28.33 -18.75
CA ALA A 226 -23.26 -28.30 -19.63
C ALA A 226 -22.99 -29.09 -20.91
N ILE A 227 -21.87 -28.81 -21.56
CA ILE A 227 -21.51 -29.50 -22.80
C ILE A 227 -21.34 -30.98 -22.51
N GLU A 228 -20.81 -31.29 -21.33
CA GLU A 228 -20.62 -32.67 -20.90
C GLU A 228 -21.97 -33.37 -20.83
N GLN A 229 -22.97 -32.63 -20.35
CA GLN A 229 -24.31 -33.17 -20.22
C GLN A 229 -25.08 -33.10 -21.55
N ASP A 230 -24.33 -32.91 -22.63
CA ASP A 230 -24.93 -32.83 -23.96
C ASP A 230 -25.82 -31.62 -24.24
N TYR A 231 -25.53 -30.52 -23.55
CA TYR A 231 -26.27 -29.27 -23.71
C TYR A 231 -25.69 -28.57 -24.95
N ARG A 232 -26.53 -27.84 -25.67
CA ARG A 232 -26.07 -27.11 -26.84
C ARG A 232 -26.80 -25.78 -26.90
N LEU A 233 -26.10 -24.72 -27.28
CA LEU A 233 -26.74 -23.41 -27.35
C LEU A 233 -28.00 -23.47 -28.22
N PRO A 234 -29.11 -22.90 -27.72
CA PRO A 234 -30.41 -22.86 -28.42
C PRO A 234 -30.33 -21.92 -29.65
N PRO A 235 -31.39 -21.91 -30.48
CA PRO A 235 -31.42 -21.05 -31.66
C PRO A 235 -31.55 -19.57 -31.28
N PRO A 236 -30.71 -18.69 -31.86
CA PRO A 236 -30.83 -17.27 -31.53
C PRO A 236 -32.13 -16.74 -32.14
N MET A 237 -32.63 -15.62 -31.63
CA MET A 237 -33.88 -15.07 -32.18
C MET A 237 -33.82 -14.85 -33.68
N ASP A 238 -34.92 -15.13 -34.36
CA ASP A 238 -35.03 -14.96 -35.80
C ASP A 238 -33.97 -15.71 -36.61
N CYS A 239 -33.49 -16.80 -36.05
CA CYS A 239 -32.49 -17.60 -36.73
C CYS A 239 -33.14 -18.83 -37.36
N PRO A 240 -32.98 -18.99 -38.68
CA PRO A 240 -33.55 -20.11 -39.40
C PRO A 240 -33.07 -21.43 -38.82
N SER A 241 -33.98 -22.39 -38.69
CA SER A 241 -33.61 -23.68 -38.13
C SER A 241 -32.48 -24.35 -38.92
N ALA A 242 -32.32 -23.99 -40.19
CA ALA A 242 -31.25 -24.58 -40.99
C ALA A 242 -29.86 -24.12 -40.55
N LEU A 243 -29.76 -22.87 -40.09
CA LEU A 243 -28.47 -22.34 -39.65
C LEU A 243 -28.12 -22.83 -38.25
N HIS A 244 -29.13 -23.13 -37.44
CA HIS A 244 -28.88 -23.63 -36.09
C HIS A 244 -28.49 -25.09 -36.17
N GLN A 245 -28.97 -25.79 -37.19
CA GLN A 245 -28.63 -27.20 -37.37
C GLN A 245 -27.17 -27.27 -37.79
N LEU A 246 -26.75 -26.32 -38.62
CA LEU A 246 -25.37 -26.29 -39.08
C LEU A 246 -24.50 -26.07 -37.82
N MET A 247 -24.98 -25.23 -36.91
CA MET A 247 -24.24 -24.97 -35.68
C MET A 247 -24.08 -26.28 -34.92
N LEU A 248 -25.18 -26.99 -34.72
CA LEU A 248 -25.13 -28.27 -34.01
C LEU A 248 -24.10 -29.21 -34.61
N ASP A 249 -24.09 -29.32 -35.94
CA ASP A 249 -23.15 -30.19 -36.63
C ASP A 249 -21.73 -29.78 -36.24
N CYS A 250 -21.49 -28.48 -36.13
CA CYS A 250 -20.16 -27.99 -35.76
C CYS A 250 -19.87 -28.36 -34.32
N TRP A 251 -20.93 -28.50 -33.53
CA TRP A 251 -20.76 -28.81 -32.12
C TRP A 251 -20.91 -30.28 -31.76
N GLN A 252 -20.47 -31.16 -32.67
CA GLN A 252 -20.54 -32.59 -32.39
C GLN A 252 -19.38 -33.05 -31.52
N LYS A 253 -19.70 -33.78 -30.46
CA LYS A 253 -18.67 -34.24 -29.53
C LYS A 253 -17.47 -34.88 -30.23
N ASP A 254 -17.73 -35.74 -31.20
CA ASP A 254 -16.68 -36.42 -31.94
C ASP A 254 -16.18 -35.52 -33.05
N ARG A 255 -14.95 -35.04 -32.93
CA ARG A 255 -14.40 -34.16 -33.93
C ARG A 255 -14.43 -34.72 -35.35
N ASN A 256 -14.20 -36.02 -35.49
CA ASN A 256 -14.19 -36.65 -36.82
C ASN A 256 -15.54 -36.56 -37.50
N HIS A 257 -16.57 -36.31 -36.72
CA HIS A 257 -17.90 -36.21 -37.30
C HIS A 257 -18.26 -34.79 -37.66
N ARG A 258 -17.53 -33.82 -37.13
CA ARG A 258 -17.83 -32.43 -37.47
C ARG A 258 -17.54 -32.15 -38.94
N PRO A 259 -18.27 -31.21 -39.55
CA PRO A 259 -18.07 -30.86 -40.95
C PRO A 259 -16.69 -30.26 -41.19
N LYS A 260 -16.29 -30.21 -42.46
CA LYS A 260 -15.00 -29.60 -42.84
C LYS A 260 -15.35 -28.20 -43.31
N PHE A 261 -14.40 -27.28 -43.22
CA PHE A 261 -14.69 -25.92 -43.64
C PHE A 261 -15.15 -25.85 -45.08
N GLY A 262 -14.69 -26.80 -45.90
CA GLY A 262 -15.11 -26.83 -47.30
C GLY A 262 -16.60 -27.07 -47.39
N GLN A 263 -17.08 -28.09 -46.65
CA GLN A 263 -18.49 -28.43 -46.63
C GLN A 263 -19.27 -27.26 -46.03
N ILE A 264 -18.79 -26.70 -44.92
CA ILE A 264 -19.48 -25.56 -44.33
C ILE A 264 -19.72 -24.50 -45.38
N VAL A 265 -18.70 -24.26 -46.21
CA VAL A 265 -18.84 -23.25 -47.26
C VAL A 265 -19.94 -23.65 -48.26
N ASN A 266 -19.90 -24.88 -48.76
CA ASN A 266 -20.89 -25.32 -49.71
C ASN A 266 -22.30 -25.22 -49.14
N THR A 267 -22.46 -25.65 -47.89
CA THR A 267 -23.75 -25.58 -47.24
C THR A 267 -24.26 -24.15 -47.23
N LEU A 268 -23.40 -23.23 -46.85
CA LEU A 268 -23.83 -21.84 -46.83
C LEU A 268 -24.20 -21.40 -48.24
N ASP A 269 -23.41 -21.80 -49.23
CA ASP A 269 -23.68 -21.43 -50.61
C ASP A 269 -25.02 -21.93 -51.11
N LYS A 270 -25.38 -23.14 -50.68
CA LYS A 270 -26.65 -23.70 -51.08
C LYS A 270 -27.80 -22.85 -50.53
N MET A 271 -27.62 -22.31 -49.33
CA MET A 271 -28.64 -21.48 -48.72
C MET A 271 -28.85 -20.21 -49.51
N ILE A 272 -27.80 -19.75 -50.17
CA ILE A 272 -27.91 -18.55 -50.96
C ILE A 272 -28.66 -18.84 -52.24
N ARG A 273 -28.43 -20.01 -52.82
CA ARG A 273 -29.11 -20.41 -54.05
C ARG A 273 -30.62 -20.36 -53.88
N ASN A 274 -31.11 -21.15 -52.91
CA ASN A 274 -32.54 -21.21 -52.63
C ASN A 274 -32.87 -20.59 -51.27
N PRO A 275 -33.01 -19.26 -51.22
CA PRO A 275 -33.32 -18.49 -50.00
C PRO A 275 -34.48 -19.03 -49.16
N ASN A 276 -35.37 -19.80 -49.79
CA ASN A 276 -36.51 -20.37 -49.08
C ASN A 276 -36.10 -21.49 -48.15
N SER A 277 -34.83 -21.88 -48.21
CA SER A 277 -34.33 -22.93 -47.34
C SER A 277 -34.08 -22.33 -45.96
N LEU A 278 -34.10 -21.00 -45.90
CA LEU A 278 -33.90 -20.27 -44.65
C LEU A 278 -35.23 -19.74 -44.13
N LYS A 279 -36.32 -20.20 -44.72
CA LYS A 279 -37.65 -19.78 -44.32
C LYS A 279 -38.12 -20.58 -43.11
N ALA A 280 -37.75 -21.85 -43.05
CA ALA A 280 -38.13 -22.73 -41.94
C ALA A 280 -37.50 -22.24 -40.63
N MET A 281 -38.28 -21.51 -39.83
CA MET A 281 -37.80 -20.97 -38.55
C MET A 281 -37.80 -22.04 -37.47
N SER B 1 -28.34 0.24 0.51
CA SER B 1 -27.07 1.01 0.45
C SER B 1 -26.73 1.67 1.80
N LYS B 2 -27.62 2.53 2.29
CA LYS B 2 -27.42 3.22 3.55
C LYS B 2 -27.44 2.27 4.75
N GLU B 3 -26.27 2.00 5.32
CA GLU B 3 -26.16 1.12 6.48
C GLU B 3 -26.89 1.74 7.68
N ILE B 4 -27.61 0.90 8.44
CA ILE B 4 -28.35 1.35 9.62
C ILE B 4 -27.94 0.54 10.84
N ASP B 5 -27.73 1.23 11.96
CA ASP B 5 -27.33 0.56 13.18
C ASP B 5 -28.51 -0.23 13.77
N ILE B 6 -28.24 -1.44 14.21
CA ILE B 6 -29.27 -2.30 14.77
C ILE B 6 -30.01 -1.62 15.92
N SER B 7 -29.34 -0.73 16.64
CA SER B 7 -29.99 -0.06 17.78
C SER B 7 -31.10 0.91 17.34
N CYS B 8 -31.26 1.10 16.02
CA CYS B 8 -32.29 1.98 15.49
C CYS B 8 -33.55 1.20 15.11
N VAL B 9 -33.43 -0.12 15.07
CA VAL B 9 -34.54 -0.96 14.67
C VAL B 9 -35.10 -1.71 15.85
N LYS B 10 -36.42 -1.80 15.92
CA LYS B 10 -37.07 -2.52 16.99
C LYS B 10 -38.05 -3.53 16.38
N ILE B 11 -37.63 -4.79 16.27
CA ILE B 11 -38.49 -5.83 15.69
C ILE B 11 -39.73 -6.01 16.55
N GLU B 12 -40.91 -6.02 15.95
CA GLU B 12 -42.12 -6.17 16.74
C GLU B 12 -42.96 -7.41 16.45
N GLN B 13 -43.05 -7.81 15.18
CA GLN B 13 -43.89 -8.96 14.85
C GLN B 13 -43.55 -9.59 13.53
N VAL B 14 -43.35 -10.89 13.53
CA VAL B 14 -43.07 -11.61 12.30
C VAL B 14 -44.38 -11.60 11.51
N ILE B 15 -44.35 -11.14 10.26
CA ILE B 15 -45.57 -11.05 9.47
C ILE B 15 -45.56 -11.85 8.17
N GLY B 16 -44.43 -12.45 7.81
CA GLY B 16 -44.39 -13.20 6.59
C GLY B 16 -43.10 -13.98 6.40
N ALA B 17 -43.01 -14.67 5.27
CA ALA B 17 -41.85 -15.48 4.93
C ALA B 17 -41.32 -15.08 3.57
N GLY B 18 -40.00 -14.90 3.47
CA GLY B 18 -39.38 -14.53 2.22
C GLY B 18 -38.46 -15.65 1.74
N GLU B 19 -38.08 -15.62 0.47
CA GLU B 19 -37.21 -16.65 -0.08
C GLU B 19 -35.91 -16.76 0.68
N PHE B 20 -35.49 -15.66 1.30
CA PHE B 20 -34.25 -15.63 2.05
C PHE B 20 -34.41 -15.64 3.57
N GLY B 21 -35.65 -15.59 4.05
CA GLY B 21 -35.90 -15.59 5.49
C GLY B 21 -37.20 -14.90 5.86
N GLU B 22 -37.45 -14.72 7.15
CA GLU B 22 -38.71 -14.09 7.55
C GLU B 22 -38.75 -12.57 7.36
N VAL B 23 -39.97 -12.04 7.32
CA VAL B 23 -40.20 -10.62 7.15
C VAL B 23 -40.94 -10.12 8.39
N CYS B 24 -40.34 -9.17 9.11
CA CYS B 24 -40.99 -8.66 10.31
C CYS B 24 -41.54 -7.28 10.13
N SER B 25 -42.17 -6.83 11.20
CA SER B 25 -42.76 -5.53 11.26
C SER B 25 -42.09 -4.88 12.48
N GLY B 26 -41.93 -3.56 12.45
CA GLY B 26 -41.31 -2.86 13.55
C GLY B 26 -41.18 -1.36 13.32
N HIS B 27 -40.48 -0.69 14.22
CA HIS B 27 -40.28 0.76 14.10
C HIS B 27 -38.81 1.06 13.87
N LEU B 28 -38.56 2.19 13.21
CA LEU B 28 -37.20 2.64 12.91
C LEU B 28 -37.02 4.06 13.40
N LYS B 29 -36.08 4.24 14.32
CA LYS B 29 -35.81 5.55 14.90
C LYS B 29 -34.38 5.98 14.58
N LEU B 30 -34.24 6.88 13.61
CA LEU B 30 -32.93 7.39 13.21
C LEU B 30 -32.68 8.74 13.86
N PRO B 31 -31.40 9.06 14.11
CA PRO B 31 -31.01 10.32 14.74
C PRO B 31 -31.61 11.54 14.04
N GLY B 32 -32.32 12.36 14.80
CA GLY B 32 -32.91 13.57 14.26
C GLY B 32 -34.14 13.37 13.39
N LYS B 33 -34.63 12.14 13.35
CA LYS B 33 -35.81 11.84 12.55
C LYS B 33 -36.84 11.14 13.42
N ARG B 34 -38.11 11.40 13.16
CA ARG B 34 -39.17 10.78 13.94
C ARG B 34 -39.35 9.29 13.63
N GLU B 35 -39.73 8.54 14.64
CA GLU B 35 -39.95 7.11 14.52
C GLU B 35 -40.96 6.77 13.42
N ILE B 36 -40.67 5.75 12.63
CA ILE B 36 -41.59 5.34 11.57
C ILE B 36 -41.85 3.84 11.62
N PHE B 37 -42.96 3.42 11.03
CA PHE B 37 -43.31 2.00 11.01
C PHE B 37 -42.68 1.44 9.73
N VAL B 38 -41.92 0.37 9.86
CA VAL B 38 -41.25 -0.21 8.71
C VAL B 38 -41.34 -1.74 8.62
N ALA B 39 -40.84 -2.26 7.51
CA ALA B 39 -40.81 -3.70 7.28
C ALA B 39 -39.35 -4.15 7.36
N ILE B 40 -39.12 -5.33 7.92
CA ILE B 40 -37.77 -5.82 8.06
C ILE B 40 -37.59 -7.21 7.45
N LYS B 41 -36.97 -7.28 6.28
CA LYS B 41 -36.72 -8.57 5.64
C LYS B 41 -35.40 -9.07 6.18
N THR B 42 -35.39 -10.29 6.72
CA THR B 42 -34.16 -10.84 7.27
C THR B 42 -33.59 -11.95 6.40
N LEU B 43 -32.37 -12.34 6.73
CA LEU B 43 -31.67 -13.42 6.02
C LEU B 43 -31.44 -14.55 7.03
N LYS B 44 -32.04 -15.72 6.77
CA LYS B 44 -31.92 -16.88 7.64
C LYS B 44 -30.47 -17.18 7.99
N SER B 45 -30.27 -17.62 9.23
CA SER B 45 -28.93 -17.96 9.70
C SER B 45 -28.43 -19.17 8.93
N GLY B 46 -27.11 -19.21 8.72
CA GLY B 46 -26.50 -20.30 8.01
C GLY B 46 -26.56 -20.10 6.51
N TYR B 47 -26.48 -18.83 6.09
CA TYR B 47 -26.52 -18.46 4.69
C TYR B 47 -25.15 -18.61 4.01
N THR B 48 -25.16 -18.86 2.70
CA THR B 48 -23.92 -19.01 1.96
C THR B 48 -23.41 -17.62 1.62
N GLU B 49 -22.16 -17.53 1.20
CA GLU B 49 -21.62 -16.22 0.86
C GLU B 49 -22.32 -15.65 -0.37
N LYS B 50 -22.84 -16.55 -1.21
CA LYS B 50 -23.56 -16.15 -2.42
C LYS B 50 -24.97 -15.64 -2.07
N GLN B 51 -25.58 -16.25 -1.05
CA GLN B 51 -26.91 -15.86 -0.61
C GLN B 51 -26.92 -14.45 0.00
N ARG B 52 -25.90 -14.15 0.79
CA ARG B 52 -25.80 -12.84 1.39
C ARG B 52 -25.65 -11.79 0.30
N ARG B 53 -24.88 -12.13 -0.73
CA ARG B 53 -24.64 -11.23 -1.85
C ARG B 53 -25.93 -10.94 -2.61
N ASP B 54 -26.62 -12.00 -3.04
CA ASP B 54 -27.86 -11.86 -3.78
C ASP B 54 -28.95 -11.17 -2.95
N PHE B 55 -28.91 -11.39 -1.64
CA PHE B 55 -29.89 -10.81 -0.74
C PHE B 55 -29.74 -9.30 -0.71
N LEU B 56 -28.56 -8.86 -0.27
CA LEU B 56 -28.26 -7.43 -0.19
C LEU B 56 -28.32 -6.74 -1.54
N SER B 57 -28.24 -7.52 -2.62
CA SER B 57 -28.28 -6.95 -3.96
C SER B 57 -29.56 -6.14 -4.13
N GLU B 58 -30.68 -6.75 -3.74
CA GLU B 58 -31.98 -6.12 -3.85
C GLU B 58 -32.05 -4.71 -3.27
N ALA B 59 -31.34 -4.49 -2.17
CA ALA B 59 -31.31 -3.18 -1.52
C ALA B 59 -30.58 -2.13 -2.35
N SER B 60 -29.47 -2.55 -2.97
CA SER B 60 -28.68 -1.65 -3.81
C SER B 60 -29.45 -1.19 -5.04
N ILE B 61 -30.22 -2.11 -5.61
CA ILE B 61 -31.00 -1.77 -6.79
C ILE B 61 -32.17 -0.87 -6.47
N MET B 62 -33.12 -1.34 -5.66
CA MET B 62 -34.28 -0.51 -5.36
C MET B 62 -33.89 0.84 -4.74
N GLY B 63 -32.66 0.89 -4.21
CA GLY B 63 -32.17 2.13 -3.61
C GLY B 63 -31.77 3.17 -4.65
N GLN B 64 -31.71 2.77 -5.91
CA GLN B 64 -31.35 3.67 -6.99
C GLN B 64 -32.59 4.43 -7.41
N PHE B 65 -33.75 3.87 -7.09
CA PHE B 65 -35.00 4.49 -7.48
C PHE B 65 -35.62 5.38 -6.43
N ASP B 66 -36.60 6.17 -6.86
CA ASP B 66 -37.31 7.08 -5.99
C ASP B 66 -38.60 7.57 -6.64
N HIS B 67 -39.61 6.70 -6.58
CA HIS B 67 -40.93 6.98 -7.14
C HIS B 67 -41.97 6.49 -6.13
N PRO B 68 -43.13 7.17 -6.03
CA PRO B 68 -44.19 6.80 -5.09
C PRO B 68 -44.79 5.42 -5.36
N ASN B 69 -44.57 4.90 -6.56
CA ASN B 69 -45.08 3.58 -6.92
C ASN B 69 -43.97 2.52 -6.95
N VAL B 70 -42.89 2.80 -6.24
CA VAL B 70 -41.79 1.85 -6.14
C VAL B 70 -41.38 1.81 -4.69
N ILE B 71 -41.26 0.60 -4.15
CA ILE B 71 -40.88 0.42 -2.77
C ILE B 71 -39.69 1.27 -2.37
N HIS B 72 -39.87 2.02 -1.29
CA HIS B 72 -38.83 2.90 -0.76
C HIS B 72 -37.91 2.17 0.22
N LEU B 73 -36.61 2.37 0.06
CA LEU B 73 -35.62 1.75 0.93
C LEU B 73 -35.20 2.71 2.02
N GLU B 74 -35.17 2.23 3.27
CA GLU B 74 -34.77 3.05 4.39
C GLU B 74 -33.28 2.84 4.61
N GLY B 75 -32.84 1.60 4.48
CA GLY B 75 -31.44 1.31 4.67
C GLY B 75 -31.28 -0.17 4.86
N VAL B 76 -30.10 -0.62 5.27
CA VAL B 76 -29.87 -2.02 5.49
C VAL B 76 -28.99 -2.20 6.72
N VAL B 77 -29.01 -3.40 7.29
CA VAL B 77 -28.18 -3.71 8.47
C VAL B 77 -27.28 -4.89 8.11
N THR B 78 -25.98 -4.65 8.12
CA THR B 78 -25.01 -5.70 7.79
C THR B 78 -23.99 -5.88 8.90
N LYS B 79 -23.58 -4.76 9.48
CA LYS B 79 -22.59 -4.77 10.55
C LYS B 79 -22.95 -5.71 11.70
N SER B 80 -24.14 -6.31 11.68
CA SER B 80 -24.51 -7.22 12.75
C SER B 80 -25.25 -8.46 12.21
N THR B 81 -25.77 -9.26 13.13
CA THR B 81 -26.50 -10.48 12.78
C THR B 81 -27.90 -10.43 13.38
N PRO B 82 -28.93 -10.74 12.59
CA PRO B 82 -28.85 -11.12 11.17
C PRO B 82 -28.92 -9.94 10.21
N VAL B 83 -28.50 -10.19 8.97
CA VAL B 83 -28.54 -9.17 7.94
C VAL B 83 -30.00 -8.78 7.69
N MET B 84 -30.28 -7.49 7.56
CA MET B 84 -31.65 -7.05 7.35
C MET B 84 -31.79 -5.98 6.27
N ILE B 85 -32.99 -5.88 5.70
CA ILE B 85 -33.28 -4.87 4.70
C ILE B 85 -34.55 -4.16 5.18
N ILE B 86 -34.46 -2.88 5.50
CA ILE B 86 -35.63 -2.15 5.99
C ILE B 86 -36.22 -1.28 4.91
N THR B 87 -37.51 -1.44 4.64
CA THR B 87 -38.20 -0.67 3.62
C THR B 87 -39.48 -0.13 4.22
N GLU B 88 -40.22 0.68 3.44
CA GLU B 88 -41.48 1.25 3.94
C GLU B 88 -42.47 0.11 4.19
N PHE B 89 -43.43 0.37 5.07
CA PHE B 89 -44.42 -0.63 5.42
C PHE B 89 -45.67 -0.56 4.53
N MET B 90 -46.14 -1.73 4.10
CA MET B 90 -47.32 -1.80 3.24
C MET B 90 -48.31 -2.70 3.95
N GLU B 91 -49.28 -2.08 4.64
CA GLU B 91 -50.25 -2.84 5.41
C GLU B 91 -50.86 -4.06 4.74
N ASN B 92 -51.38 -3.88 3.54
CA ASN B 92 -52.03 -4.97 2.83
C ASN B 92 -51.14 -5.98 2.13
N GLY B 93 -49.85 -5.94 2.42
CA GLY B 93 -48.91 -6.87 1.82
C GLY B 93 -49.02 -7.08 0.32
N SER B 94 -48.72 -8.29 -0.13
CA SER B 94 -48.75 -8.64 -1.55
C SER B 94 -50.12 -8.46 -2.22
N LEU B 95 -50.10 -7.91 -3.43
CA LEU B 95 -51.33 -7.68 -4.18
C LEU B 95 -52.13 -8.94 -4.48
N ASP B 96 -51.47 -10.04 -4.82
CA ASP B 96 -52.17 -11.29 -5.14
C ASP B 96 -52.96 -11.82 -3.96
N SER B 97 -52.34 -11.83 -2.78
CA SER B 97 -53.00 -12.31 -1.57
C SER B 97 -54.11 -11.33 -1.19
N PHE B 98 -53.80 -10.05 -1.29
CA PHE B 98 -54.77 -9.01 -0.97
C PHE B 98 -56.04 -9.14 -1.80
N LEU B 99 -55.88 -9.24 -3.12
CA LEU B 99 -57.02 -9.36 -4.03
C LEU B 99 -57.86 -10.64 -3.78
N ARG B 100 -57.18 -11.76 -3.60
CA ARG B 100 -57.89 -13.02 -3.35
C ARG B 100 -58.68 -12.98 -2.05
N GLN B 101 -58.22 -12.16 -1.12
CA GLN B 101 -58.87 -12.04 0.17
C GLN B 101 -59.96 -10.97 0.16
N ASN B 102 -60.24 -10.44 -1.01
CA ASN B 102 -61.27 -9.42 -1.17
C ASN B 102 -61.92 -9.62 -2.51
N ASP B 103 -62.22 -10.87 -2.82
CA ASP B 103 -62.86 -11.26 -4.07
C ASP B 103 -64.05 -10.38 -4.40
N GLY B 104 -64.04 -9.81 -5.58
CA GLY B 104 -65.14 -8.97 -6.05
C GLY B 104 -65.65 -7.90 -5.12
N GLN B 105 -64.84 -7.49 -4.16
CA GLN B 105 -65.27 -6.47 -3.23
C GLN B 105 -64.74 -5.08 -3.55
N PHE B 106 -64.36 -4.86 -4.82
CA PHE B 106 -63.85 -3.56 -5.25
C PHE B 106 -64.56 -3.06 -6.50
N THR B 107 -64.52 -1.75 -6.73
CA THR B 107 -65.16 -1.16 -7.91
C THR B 107 -64.15 -1.06 -9.04
N VAL B 108 -64.63 -1.15 -10.27
CA VAL B 108 -63.74 -1.09 -11.42
C VAL B 108 -62.78 0.09 -11.31
N ILE B 109 -63.27 1.21 -10.83
CA ILE B 109 -62.42 2.37 -10.69
C ILE B 109 -61.31 2.14 -9.66
N GLN B 110 -61.61 1.42 -8.57
CA GLN B 110 -60.57 1.20 -7.58
C GLN B 110 -59.47 0.31 -8.15
N LEU B 111 -59.88 -0.70 -8.92
CA LEU B 111 -58.95 -1.62 -9.55
C LEU B 111 -58.11 -0.86 -10.56
N VAL B 112 -58.77 -0.08 -11.40
CA VAL B 112 -58.04 0.69 -12.40
C VAL B 112 -57.02 1.61 -11.72
N GLY B 113 -57.32 1.97 -10.47
CA GLY B 113 -56.43 2.84 -9.72
C GLY B 113 -55.15 2.13 -9.31
N MET B 114 -55.26 0.83 -9.05
CA MET B 114 -54.10 0.02 -8.68
C MET B 114 -53.24 -0.18 -9.93
N LEU B 115 -53.91 -0.46 -11.06
CA LEU B 115 -53.23 -0.70 -12.31
C LEU B 115 -52.43 0.50 -12.81
N ARG B 116 -53.01 1.68 -12.62
CA ARG B 116 -52.41 2.95 -13.06
C ARG B 116 -51.18 3.24 -12.18
N GLY B 117 -51.31 2.92 -10.90
CA GLY B 117 -50.21 3.12 -9.97
C GLY B 117 -49.05 2.21 -10.35
N ILE B 118 -49.35 0.95 -10.69
CA ILE B 118 -48.30 0.01 -11.09
C ILE B 118 -47.67 0.51 -12.38
N ALA B 119 -48.51 0.86 -13.35
CA ALA B 119 -48.04 1.35 -14.63
C ALA B 119 -47.12 2.57 -14.48
N ALA B 120 -47.48 3.49 -13.58
CA ALA B 120 -46.66 4.68 -13.34
C ALA B 120 -45.28 4.26 -12.86
N GLY B 121 -45.25 3.33 -11.93
CA GLY B 121 -43.99 2.84 -11.41
C GLY B 121 -43.17 2.16 -12.49
N MET B 122 -43.83 1.40 -13.35
CA MET B 122 -43.14 0.70 -14.43
C MET B 122 -42.62 1.70 -15.46
N LYS B 123 -43.42 2.73 -15.74
CA LYS B 123 -43.02 3.78 -16.67
C LYS B 123 -41.71 4.38 -16.11
N TYR B 124 -41.71 4.65 -14.81
CA TYR B 124 -40.54 5.19 -14.14
C TYR B 124 -39.35 4.25 -14.33
N LEU B 125 -39.52 3.00 -13.94
CA LEU B 125 -38.44 2.04 -14.08
C LEU B 125 -37.93 1.96 -15.53
N ALA B 126 -38.84 2.02 -16.50
CA ALA B 126 -38.44 1.96 -17.89
C ALA B 126 -37.58 3.16 -18.25
N ASP B 127 -37.97 4.33 -17.78
CA ASP B 127 -37.20 5.53 -18.06
C ASP B 127 -35.81 5.42 -17.44
N MET B 128 -35.69 4.82 -16.26
CA MET B 128 -34.39 4.65 -15.61
C MET B 128 -33.64 3.54 -16.34
N ASN B 129 -34.21 3.08 -17.45
CA ASN B 129 -33.61 2.00 -18.24
C ASN B 129 -33.41 0.75 -17.38
N TYR B 130 -34.43 0.43 -16.57
CA TYR B 130 -34.37 -0.74 -15.71
C TYR B 130 -35.43 -1.79 -16.12
N VAL B 131 -34.97 -2.98 -16.51
CA VAL B 131 -35.88 -4.05 -16.91
C VAL B 131 -36.14 -4.92 -15.68
N HIS B 132 -37.42 -5.09 -15.32
CA HIS B 132 -37.78 -5.88 -14.13
C HIS B 132 -37.56 -7.36 -14.29
N ARG B 133 -38.14 -7.91 -15.36
CA ARG B 133 -38.05 -9.33 -15.69
C ARG B 133 -38.94 -10.24 -14.87
N ALA B 134 -39.38 -9.77 -13.70
CA ALA B 134 -40.21 -10.59 -12.82
C ALA B 134 -41.50 -9.91 -12.36
N LEU B 135 -42.05 -9.05 -13.20
CA LEU B 135 -43.28 -8.33 -12.88
C LEU B 135 -44.47 -9.29 -12.74
N ALA B 136 -45.10 -9.26 -11.57
CA ALA B 136 -46.23 -10.13 -11.29
C ALA B 136 -46.99 -9.61 -10.07
N ALA B 137 -48.28 -9.90 -10.01
CA ALA B 137 -49.09 -9.45 -8.87
C ALA B 137 -48.42 -9.77 -7.54
N ARG B 138 -47.80 -10.94 -7.39
CA ARG B 138 -47.14 -11.28 -6.13
C ARG B 138 -46.00 -10.34 -5.77
N ASN B 139 -45.42 -9.65 -6.76
CA ASN B 139 -44.30 -8.73 -6.51
C ASN B 139 -44.71 -7.29 -6.32
N ILE B 140 -46.01 -7.07 -6.13
CA ILE B 140 -46.50 -5.73 -5.92
C ILE B 140 -47.07 -5.63 -4.51
N LEU B 141 -46.79 -4.53 -3.83
CA LEU B 141 -47.27 -4.34 -2.46
C LEU B 141 -48.35 -3.27 -2.44
N VAL B 142 -49.30 -3.41 -1.53
CA VAL B 142 -50.40 -2.46 -1.41
C VAL B 142 -50.44 -1.89 0.00
N ASN B 143 -50.74 -0.59 0.12
CA ASN B 143 -50.80 0.01 1.46
C ASN B 143 -52.25 0.27 1.91
N SER B 144 -52.38 0.97 3.03
CA SER B 144 -53.69 1.28 3.58
C SER B 144 -54.66 1.92 2.61
N ASN B 145 -54.15 2.85 1.81
CA ASN B 145 -54.97 3.55 0.83
C ASN B 145 -55.03 2.85 -0.51
N LEU B 146 -54.62 1.59 -0.55
CA LEU B 146 -54.66 0.79 -1.78
C LEU B 146 -53.67 1.21 -2.86
N VAL B 147 -52.70 2.04 -2.50
CA VAL B 147 -51.68 2.48 -3.43
C VAL B 147 -50.75 1.30 -3.70
N CYS B 148 -50.57 0.95 -4.97
CA CYS B 148 -49.70 -0.16 -5.32
C CYS B 148 -48.29 0.30 -5.64
N LYS B 149 -47.31 -0.54 -5.32
CA LYS B 149 -45.91 -0.23 -5.56
C LYS B 149 -45.15 -1.46 -6.05
N VAL B 150 -44.26 -1.26 -7.03
CA VAL B 150 -43.48 -2.35 -7.57
C VAL B 150 -42.35 -2.69 -6.61
N SER B 151 -42.09 -3.98 -6.43
CA SER B 151 -41.02 -4.41 -5.55
C SER B 151 -40.29 -5.59 -6.16
N ASP B 152 -39.43 -6.20 -5.36
CA ASP B 152 -38.65 -7.35 -5.80
C ASP B 152 -37.59 -6.97 -6.83
N PHE B 153 -36.40 -6.68 -6.34
CA PHE B 153 -35.29 -6.33 -7.22
C PHE B 153 -34.06 -7.21 -7.01
N GLY B 154 -34.25 -8.49 -6.71
CA GLY B 154 -33.11 -9.38 -6.51
C GLY B 154 -32.19 -9.47 -7.72
N PRO B 177 -40.78 -17.92 -14.01
CA PRO B 177 -42.18 -17.50 -14.07
C PRO B 177 -42.57 -17.41 -15.53
N ILE B 178 -42.69 -18.58 -16.16
CA ILE B 178 -43.04 -18.71 -17.57
C ILE B 178 -44.31 -17.96 -17.95
N ARG B 179 -45.42 -18.30 -17.30
CA ARG B 179 -46.70 -17.69 -17.62
C ARG B 179 -46.80 -16.19 -17.37
N TRP B 180 -45.68 -15.56 -17.07
CA TRP B 180 -45.63 -14.11 -16.84
C TRP B 180 -44.65 -13.49 -17.81
N THR B 181 -43.82 -14.32 -18.43
CA THR B 181 -42.80 -13.83 -19.34
C THR B 181 -43.19 -13.87 -20.79
N ALA B 182 -42.68 -12.92 -21.57
CA ALA B 182 -42.99 -12.88 -22.98
C ALA B 182 -42.20 -13.91 -23.78
N PRO B 183 -42.75 -14.34 -24.91
CA PRO B 183 -42.11 -15.34 -25.78
C PRO B 183 -40.63 -15.08 -26.09
N GLU B 184 -40.29 -13.87 -26.49
CA GLU B 184 -38.90 -13.58 -26.82
C GLU B 184 -37.99 -13.83 -25.63
N ALA B 185 -38.44 -13.40 -24.45
CA ALA B 185 -37.62 -13.58 -23.26
C ALA B 185 -37.52 -15.06 -22.87
N ILE B 186 -38.58 -15.82 -23.11
CA ILE B 186 -38.55 -17.23 -22.79
C ILE B 186 -37.69 -18.02 -23.78
N GLN B 187 -37.87 -17.78 -25.07
CA GLN B 187 -37.12 -18.53 -26.05
C GLN B 187 -35.71 -18.05 -26.35
N TYR B 188 -35.49 -16.74 -26.29
CA TYR B 188 -34.19 -16.17 -26.62
C TYR B 188 -33.61 -15.28 -25.54
N ARG B 189 -34.19 -15.31 -24.36
CA ARG B 189 -33.72 -14.49 -23.25
C ARG B 189 -33.62 -13.01 -23.61
N LYS B 190 -34.58 -12.50 -24.39
CA LYS B 190 -34.58 -11.10 -24.77
C LYS B 190 -35.47 -10.30 -23.84
N PHE B 191 -34.91 -9.85 -22.71
CA PHE B 191 -35.66 -9.08 -21.74
C PHE B 191 -35.56 -7.60 -22.04
N THR B 192 -36.70 -6.94 -22.18
CA THR B 192 -36.71 -5.52 -22.47
C THR B 192 -37.91 -4.94 -21.77
N SER B 193 -38.04 -3.61 -21.79
CA SER B 193 -39.18 -2.99 -21.17
C SER B 193 -40.42 -3.49 -21.87
N ALA B 194 -40.28 -3.87 -23.14
CA ALA B 194 -41.41 -4.38 -23.89
C ALA B 194 -41.85 -5.74 -23.34
N SER B 195 -40.90 -6.52 -22.82
CA SER B 195 -41.25 -7.82 -22.25
C SER B 195 -41.89 -7.56 -20.88
N ASP B 196 -41.47 -6.49 -20.21
CA ASP B 196 -42.06 -6.14 -18.92
C ASP B 196 -43.53 -5.75 -19.13
N VAL B 197 -43.85 -5.16 -20.29
CA VAL B 197 -45.23 -4.77 -20.58
C VAL B 197 -46.06 -6.04 -20.73
N TRP B 198 -45.50 -7.04 -21.41
CA TRP B 198 -46.20 -8.30 -21.55
C TRP B 198 -46.55 -8.75 -20.13
N SER B 199 -45.59 -8.66 -19.21
CA SER B 199 -45.86 -9.06 -17.84
C SER B 199 -46.99 -8.18 -17.25
N TYR B 200 -46.91 -6.87 -17.48
CA TYR B 200 -47.93 -5.93 -16.99
C TYR B 200 -49.31 -6.38 -17.45
N GLY B 201 -49.38 -6.92 -18.66
CA GLY B 201 -50.64 -7.38 -19.19
C GLY B 201 -51.19 -8.47 -18.31
N ILE B 202 -50.33 -9.42 -17.96
CA ILE B 202 -50.71 -10.55 -17.10
C ILE B 202 -51.16 -9.98 -15.74
N VAL B 203 -50.41 -9.02 -15.23
CA VAL B 203 -50.75 -8.40 -13.97
C VAL B 203 -52.15 -7.80 -14.08
N MET B 204 -52.50 -7.28 -15.25
CA MET B 204 -53.84 -6.72 -15.45
C MET B 204 -54.87 -7.82 -15.30
N TRP B 205 -54.56 -8.98 -15.87
CA TRP B 205 -55.48 -10.12 -15.81
C TRP B 205 -55.65 -10.64 -14.37
N GLU B 206 -54.58 -10.53 -13.57
CA GLU B 206 -54.64 -10.99 -12.19
C GLU B 206 -55.48 -10.05 -11.34
N VAL B 207 -55.36 -8.75 -11.59
CA VAL B 207 -56.12 -7.79 -10.82
C VAL B 207 -57.62 -7.88 -11.12
N MET B 208 -57.98 -7.97 -12.39
CA MET B 208 -59.39 -8.05 -12.76
C MET B 208 -60.00 -9.41 -12.44
N SER B 209 -59.14 -10.39 -12.11
CA SER B 209 -59.57 -11.73 -11.75
C SER B 209 -59.43 -11.92 -10.25
N TYR B 210 -59.02 -10.87 -9.55
CA TYR B 210 -58.86 -10.96 -8.11
C TYR B 210 -57.91 -12.07 -7.68
N GLY B 211 -56.67 -11.99 -8.17
CA GLY B 211 -55.65 -12.96 -7.79
C GLY B 211 -55.79 -14.39 -8.25
N GLU B 212 -56.26 -14.57 -9.48
CA GLU B 212 -56.41 -15.91 -10.03
C GLU B 212 -55.10 -16.27 -10.73
N ARG B 213 -54.74 -17.54 -10.69
CA ARG B 213 -53.51 -18.01 -11.33
C ARG B 213 -53.63 -17.91 -12.85
N PRO B 214 -52.74 -17.15 -13.50
CA PRO B 214 -52.73 -16.98 -14.96
C PRO B 214 -52.68 -18.33 -15.67
N TYR B 215 -53.56 -18.52 -16.65
CA TYR B 215 -53.63 -19.77 -17.41
C TYR B 215 -54.13 -20.91 -16.53
N TRP B 216 -54.60 -20.57 -15.34
CA TRP B 216 -55.12 -21.56 -14.40
C TRP B 216 -54.22 -22.77 -14.20
N ASP B 217 -54.82 -23.96 -14.33
CA ASP B 217 -54.09 -25.21 -14.14
C ASP B 217 -53.25 -25.66 -15.32
N MET B 218 -53.16 -24.84 -16.36
CA MET B 218 -52.37 -25.23 -17.52
C MET B 218 -50.91 -25.33 -17.10
N THR B 219 -50.17 -26.22 -17.76
CA THR B 219 -48.76 -26.41 -17.48
C THR B 219 -47.95 -25.35 -18.22
N ASN B 220 -46.69 -25.22 -17.84
CA ASN B 220 -45.81 -24.26 -18.47
C ASN B 220 -45.72 -24.51 -19.98
N GLN B 221 -45.59 -25.77 -20.37
CA GLN B 221 -45.48 -26.08 -21.79
C GLN B 221 -46.80 -25.81 -22.48
N ASP B 222 -47.90 -26.06 -21.78
CA ASP B 222 -49.22 -25.80 -22.35
C ASP B 222 -49.35 -24.31 -22.62
N VAL B 223 -48.87 -23.48 -21.69
CA VAL B 223 -48.94 -22.05 -21.86
C VAL B 223 -48.12 -21.68 -23.09
N ILE B 224 -46.86 -22.08 -23.08
CA ILE B 224 -45.98 -21.79 -24.19
C ILE B 224 -46.61 -22.25 -25.50
N ASN B 225 -47.20 -23.43 -25.51
CA ASN B 225 -47.83 -23.92 -26.72
C ASN B 225 -49.01 -23.06 -27.14
N ALA B 226 -49.86 -22.76 -26.17
CA ALA B 226 -51.04 -21.94 -26.39
C ALA B 226 -50.65 -20.58 -26.99
N ILE B 227 -49.70 -19.91 -26.35
CA ILE B 227 -49.24 -18.61 -26.83
C ILE B 227 -48.67 -18.74 -28.23
N GLU B 228 -47.93 -19.82 -28.48
CA GLU B 228 -47.33 -20.08 -29.79
C GLU B 228 -48.42 -20.19 -30.84
N GLN B 229 -49.59 -20.66 -30.41
CA GLN B 229 -50.73 -20.81 -31.31
C GLN B 229 -51.66 -19.59 -31.27
N ASP B 230 -51.11 -18.44 -30.89
CA ASP B 230 -51.85 -17.18 -30.80
C ASP B 230 -53.02 -17.17 -29.82
N TYR B 231 -52.92 -17.97 -28.78
CA TYR B 231 -53.96 -18.03 -27.77
C TYR B 231 -53.80 -16.89 -26.79
N ARG B 232 -54.91 -16.40 -26.26
CA ARG B 232 -54.85 -15.31 -25.29
C ARG B 232 -55.93 -15.48 -24.22
N LEU B 233 -55.53 -15.23 -22.98
CA LEU B 233 -56.43 -15.35 -21.84
C LEU B 233 -57.69 -14.55 -22.11
N PRO B 234 -58.85 -15.13 -21.78
CA PRO B 234 -60.19 -14.55 -21.94
C PRO B 234 -60.40 -13.40 -20.96
N PRO B 235 -61.41 -12.54 -21.23
CA PRO B 235 -61.68 -11.42 -20.34
C PRO B 235 -62.21 -11.97 -19.03
N PRO B 236 -61.70 -11.46 -17.90
CA PRO B 236 -62.17 -11.94 -16.61
C PRO B 236 -63.67 -11.67 -16.47
N MET B 237 -64.21 -12.06 -15.33
CA MET B 237 -65.63 -11.85 -15.05
C MET B 237 -65.90 -10.39 -14.74
N ASP B 238 -66.87 -9.80 -15.44
CA ASP B 238 -67.25 -8.41 -15.24
C ASP B 238 -66.13 -7.44 -15.56
N CYS B 239 -65.22 -7.87 -16.42
CA CYS B 239 -64.10 -7.05 -16.80
C CYS B 239 -64.44 -6.25 -18.06
N PRO B 240 -64.33 -4.92 -17.98
CA PRO B 240 -64.62 -4.05 -19.12
C PRO B 240 -63.79 -4.45 -20.33
N SER B 241 -64.45 -4.61 -21.48
CA SER B 241 -63.76 -5.00 -22.70
C SER B 241 -62.57 -4.08 -22.99
N ALA B 242 -62.72 -2.80 -22.69
CA ALA B 242 -61.64 -1.86 -22.94
C ALA B 242 -60.37 -2.30 -22.20
N LEU B 243 -60.52 -2.75 -20.96
CA LEU B 243 -59.35 -3.20 -20.20
C LEU B 243 -58.76 -4.48 -20.77
N HIS B 244 -59.62 -5.39 -21.22
CA HIS B 244 -59.15 -6.64 -21.79
C HIS B 244 -58.44 -6.35 -23.09
N GLN B 245 -58.98 -5.40 -23.85
CA GLN B 245 -58.37 -5.03 -25.12
C GLN B 245 -56.95 -4.55 -24.86
N LEU B 246 -56.77 -3.83 -23.75
CA LEU B 246 -55.46 -3.31 -23.37
C LEU B 246 -54.56 -4.49 -23.05
N MET B 247 -55.14 -5.55 -22.51
CA MET B 247 -54.38 -6.74 -22.19
C MET B 247 -53.88 -7.35 -23.50
N LEU B 248 -54.79 -7.51 -24.47
CA LEU B 248 -54.39 -8.10 -25.75
C LEU B 248 -53.29 -7.26 -26.38
N ASP B 249 -53.35 -5.95 -26.20
CA ASP B 249 -52.34 -5.05 -26.75
C ASP B 249 -50.97 -5.33 -26.15
N CYS B 250 -50.94 -5.59 -24.84
CA CYS B 250 -49.68 -5.90 -24.16
C CYS B 250 -49.17 -7.27 -24.55
N TRP B 251 -50.06 -8.13 -25.02
CA TRP B 251 -49.67 -9.49 -25.40
C TRP B 251 -49.47 -9.71 -26.90
N GLN B 252 -48.97 -8.69 -27.59
CA GLN B 252 -48.70 -8.79 -29.02
C GLN B 252 -47.39 -9.56 -29.27
N LYS B 253 -47.48 -10.61 -30.07
CA LYS B 253 -46.31 -11.44 -30.40
C LYS B 253 -45.08 -10.58 -30.62
N ASP B 254 -45.18 -9.62 -31.54
CA ASP B 254 -44.06 -8.73 -31.83
C ASP B 254 -43.93 -7.69 -30.74
N ARG B 255 -42.80 -7.73 -30.04
CA ARG B 255 -42.53 -6.80 -28.95
C ARG B 255 -42.65 -5.34 -29.38
N ASN B 256 -42.16 -5.01 -30.57
CA ASN B 256 -42.21 -3.62 -31.04
C ASN B 256 -43.63 -3.08 -31.19
N HIS B 257 -44.59 -3.95 -31.42
CA HIS B 257 -45.99 -3.53 -31.58
C HIS B 257 -46.75 -3.37 -30.27
N ARG B 258 -46.06 -3.56 -29.15
CA ARG B 258 -46.73 -3.42 -27.88
C ARG B 258 -46.74 -1.99 -27.36
N PRO B 259 -47.76 -1.65 -26.58
CA PRO B 259 -47.84 -0.28 -26.03
C PRO B 259 -46.71 -0.11 -25.02
N LYS B 260 -46.15 1.09 -24.93
CA LYS B 260 -45.08 1.38 -23.98
C LYS B 260 -45.72 1.87 -22.67
N PHE B 261 -45.05 1.66 -21.56
CA PHE B 261 -45.59 2.06 -20.27
C PHE B 261 -46.07 3.51 -20.21
N GLY B 262 -45.50 4.37 -21.04
CA GLY B 262 -45.94 5.75 -21.05
C GLY B 262 -47.34 5.82 -21.62
N GLN B 263 -47.54 5.12 -22.74
CA GLN B 263 -48.83 5.09 -23.40
C GLN B 263 -49.87 4.35 -22.55
N ILE B 264 -49.43 3.33 -21.82
CA ILE B 264 -50.33 2.57 -20.96
C ILE B 264 -50.92 3.50 -19.91
N VAL B 265 -50.09 4.35 -19.32
CA VAL B 265 -50.55 5.30 -18.32
C VAL B 265 -51.56 6.27 -18.94
N ASN B 266 -51.30 6.72 -20.17
CA ASN B 266 -52.21 7.66 -20.82
C ASN B 266 -53.55 7.02 -21.16
N THR B 267 -53.53 5.72 -21.49
CA THR B 267 -54.75 4.98 -21.81
C THR B 267 -55.59 4.78 -20.54
N LEU B 268 -54.92 4.47 -19.44
CA LEU B 268 -55.58 4.27 -18.16
C LEU B 268 -56.19 5.57 -17.63
N ASP B 269 -55.51 6.68 -17.87
CA ASP B 269 -56.02 7.96 -17.40
C ASP B 269 -57.26 8.37 -18.18
N LYS B 270 -57.23 8.14 -19.49
CA LYS B 270 -58.35 8.48 -20.34
C LYS B 270 -59.56 7.64 -19.92
N MET B 271 -59.31 6.52 -19.24
CA MET B 271 -60.40 5.67 -18.78
C MET B 271 -60.97 6.21 -17.47
N ILE B 272 -60.09 6.78 -16.64
CA ILE B 272 -60.49 7.33 -15.35
C ILE B 272 -61.32 8.60 -15.55
N ARG B 273 -60.94 9.39 -16.55
CA ARG B 273 -61.63 10.63 -16.86
C ARG B 273 -62.78 10.39 -17.85
N ASN B 274 -63.16 9.13 -18.00
CA ASN B 274 -64.25 8.72 -18.90
C ASN B 274 -64.78 7.38 -18.44
N PRO B 275 -65.35 7.32 -17.22
CA PRO B 275 -65.90 6.09 -16.66
C PRO B 275 -66.86 5.35 -17.59
N ASN B 276 -67.42 6.06 -18.56
CA ASN B 276 -68.36 5.44 -19.50
C ASN B 276 -67.68 4.40 -20.41
N SER B 277 -66.41 4.64 -20.72
CA SER B 277 -65.66 3.73 -21.57
C SER B 277 -65.47 2.37 -20.90
N LEU B 278 -65.46 2.34 -19.58
CA LEU B 278 -65.29 1.10 -18.82
C LEU B 278 -66.64 0.41 -18.59
N LYS B 279 -67.65 0.82 -19.35
CA LYS B 279 -68.99 0.26 -19.21
C LYS B 279 -69.21 -1.00 -20.08
N ALA B 280 -68.89 -0.90 -21.37
CA ALA B 280 -69.06 -2.03 -22.28
C ALA B 280 -68.30 -3.27 -21.81
N MET B 281 -68.87 -4.45 -22.05
CA MET B 281 -68.23 -5.70 -21.64
C MET B 281 -68.37 -6.78 -22.73
N SER C 1 63.80 16.98 39.84
CA SER C 1 64.59 17.45 41.03
C SER C 1 65.71 16.48 41.41
N LYS C 2 65.49 15.77 42.52
CA LYS C 2 66.47 14.84 43.03
C LYS C 2 66.95 13.81 41.98
N GLU C 3 68.26 13.62 41.93
CA GLU C 3 68.88 12.66 41.01
C GLU C 3 68.86 11.30 41.72
N ILE C 4 68.32 10.28 41.06
CA ILE C 4 68.25 8.95 41.63
C ILE C 4 69.21 7.99 40.95
N ASP C 5 69.88 7.16 41.75
CA ASP C 5 70.83 6.17 41.25
C ASP C 5 70.04 4.99 40.68
N ILE C 6 70.37 4.58 39.46
CA ILE C 6 69.67 3.47 38.79
C ILE C 6 69.63 2.19 39.63
N SER C 7 70.54 2.06 40.58
CA SER C 7 70.60 0.88 41.44
C SER C 7 69.37 0.79 42.36
N CYS C 8 68.67 1.90 42.54
CA CYS C 8 67.49 1.95 43.41
C CYS C 8 66.19 1.64 42.69
N VAL C 9 66.28 1.55 41.36
CA VAL C 9 65.13 1.32 40.49
C VAL C 9 65.06 -0.07 39.88
N LYS C 10 63.86 -0.61 39.83
CA LYS C 10 63.63 -1.92 39.26
C LYS C 10 62.32 -1.83 38.52
N ILE C 11 62.39 -1.79 37.19
CA ILE C 11 61.22 -1.70 36.33
C ILE C 11 60.46 -3.03 36.33
N GLU C 12 59.15 -3.00 36.50
CA GLU C 12 58.35 -4.23 36.49
C GLU C 12 57.67 -4.51 35.14
N GLN C 13 56.95 -3.53 34.61
CA GLN C 13 56.27 -3.72 33.32
C GLN C 13 55.76 -2.43 32.72
N VAL C 14 55.44 -2.47 31.43
CA VAL C 14 54.92 -1.29 30.73
C VAL C 14 53.46 -1.10 31.11
N ILE C 15 53.08 0.14 31.44
CA ILE C 15 51.68 0.39 31.81
C ILE C 15 51.04 1.45 30.93
N GLY C 16 51.84 2.09 30.08
CA GLY C 16 51.32 3.11 29.21
C GLY C 16 52.37 3.63 28.23
N ALA C 17 51.92 4.30 27.18
CA ALA C 17 52.84 4.83 26.19
C ALA C 17 52.91 6.35 26.29
N GLY C 18 54.11 6.88 26.47
CA GLY C 18 54.26 8.31 26.57
C GLY C 18 54.72 8.92 25.27
N GLU C 19 54.64 10.24 25.18
CA GLU C 19 55.03 10.98 24.00
C GLU C 19 56.55 10.89 23.76
N PHE C 20 57.30 10.61 24.82
CA PHE C 20 58.75 10.54 24.73
C PHE C 20 59.29 9.13 24.86
N GLY C 21 58.46 8.22 25.38
CA GLY C 21 58.90 6.87 25.55
C GLY C 21 57.90 6.11 26.39
N GLU C 22 58.22 4.86 26.73
CA GLU C 22 57.32 4.04 27.51
C GLU C 22 57.13 4.52 28.95
N VAL C 23 55.98 4.15 29.52
CA VAL C 23 55.68 4.47 30.91
C VAL C 23 55.52 3.13 31.63
N CYS C 24 56.29 2.90 32.68
CA CYS C 24 56.23 1.62 33.41
C CYS C 24 55.94 1.79 34.88
N SER C 25 55.73 0.66 35.55
CA SER C 25 55.53 0.67 36.98
C SER C 25 56.71 -0.13 37.56
N GLY C 26 57.06 0.13 38.83
CA GLY C 26 58.18 -0.56 39.43
C GLY C 26 58.39 -0.23 40.91
N HIS C 27 59.53 -0.64 41.46
CA HIS C 27 59.82 -0.37 42.87
C HIS C 27 60.99 0.58 42.99
N LEU C 28 61.02 1.31 44.10
CA LEU C 28 62.09 2.26 44.36
C LEU C 28 62.60 2.02 45.77
N LYS C 29 63.86 1.64 45.89
CA LYS C 29 64.46 1.38 47.19
C LYS C 29 65.67 2.28 47.45
N LEU C 30 65.41 3.46 47.98
CA LEU C 30 66.51 4.38 48.29
C LEU C 30 67.26 3.91 49.54
N PRO C 31 68.51 4.33 49.68
CA PRO C 31 69.32 3.94 50.85
C PRO C 31 68.59 4.25 52.16
N GLY C 32 68.38 3.21 52.97
CA GLY C 32 67.72 3.39 54.25
C GLY C 32 66.21 3.55 54.25
N LYS C 33 65.64 4.08 53.16
CA LYS C 33 64.21 4.28 53.06
C LYS C 33 63.48 3.01 52.62
N ARG C 34 62.19 2.95 52.92
CA ARG C 34 61.37 1.79 52.56
C ARG C 34 61.07 1.71 51.08
N GLU C 35 61.02 0.50 50.56
CA GLU C 35 60.74 0.29 49.15
C GLU C 35 59.30 0.71 48.88
N ILE C 36 59.08 1.35 47.73
CA ILE C 36 57.74 1.78 47.35
C ILE C 36 57.45 1.51 45.88
N PHE C 37 56.17 1.42 45.54
CA PHE C 37 55.77 1.18 44.17
C PHE C 37 55.70 2.54 43.49
N VAL C 38 56.17 2.64 42.26
CA VAL C 38 56.18 3.92 41.57
C VAL C 38 55.90 3.84 40.08
N ALA C 39 55.75 5.02 39.46
CA ALA C 39 55.53 5.10 38.02
C ALA C 39 56.86 5.52 37.43
N ILE C 40 57.25 4.94 36.30
CA ILE C 40 58.53 5.27 35.68
C ILE C 40 58.41 5.61 34.19
N LYS C 41 58.52 6.89 33.84
CA LYS C 41 58.44 7.30 32.43
C LYS C 41 59.89 7.27 31.92
N THR C 42 60.12 6.55 30.82
CA THR C 42 61.45 6.45 30.25
C THR C 42 61.55 7.16 28.92
N LEU C 43 62.74 7.64 28.59
CA LEU C 43 62.96 8.34 27.33
C LEU C 43 63.54 7.36 26.30
N LYS C 44 62.85 7.23 25.17
CA LYS C 44 63.32 6.31 24.13
C LYS C 44 64.77 6.66 23.74
N SER C 45 65.56 5.63 23.44
CA SER C 45 66.97 5.83 23.06
C SER C 45 67.09 6.42 21.65
N GLY C 46 68.24 7.03 21.35
CA GLY C 46 68.43 7.63 20.05
C GLY C 46 67.67 8.94 19.97
N TYR C 47 67.54 9.58 21.13
CA TYR C 47 66.82 10.84 21.26
C TYR C 47 67.70 12.03 20.89
N THR C 48 67.04 13.14 20.56
CA THR C 48 67.74 14.37 20.21
C THR C 48 67.97 15.12 21.50
N GLU C 49 69.01 15.96 21.53
CA GLU C 49 69.29 16.72 22.74
C GLU C 49 68.08 17.52 23.19
N LYS C 50 67.30 18.02 22.23
CA LYS C 50 66.11 18.81 22.53
C LYS C 50 65.07 17.92 23.18
N GLN C 51 64.85 16.75 22.59
CA GLN C 51 63.89 15.79 23.11
C GLN C 51 64.24 15.48 24.56
N ARG C 52 65.52 15.28 24.83
CA ARG C 52 65.99 14.98 26.16
C ARG C 52 65.67 16.14 27.11
N ARG C 53 65.84 17.37 26.65
CA ARG C 53 65.56 18.53 27.48
C ARG C 53 64.06 18.72 27.73
N ASP C 54 63.24 18.43 26.73
CA ASP C 54 61.79 18.59 26.89
C ASP C 54 61.20 17.56 27.83
N PHE C 55 61.71 16.34 27.74
CA PHE C 55 61.25 15.25 28.58
C PHE C 55 61.55 15.58 30.04
N LEU C 56 62.81 15.92 30.30
CA LEU C 56 63.23 16.26 31.65
C LEU C 56 62.64 17.57 32.18
N SER C 57 62.20 18.44 31.26
CA SER C 57 61.63 19.72 31.66
C SER C 57 60.38 19.48 32.50
N GLU C 58 59.67 18.41 32.17
CA GLU C 58 58.46 18.06 32.91
C GLU C 58 58.80 17.82 34.37
N ALA C 59 59.93 17.17 34.62
CA ALA C 59 60.35 16.86 35.97
C ALA C 59 60.70 18.11 36.75
N SER C 60 61.38 19.04 36.08
CA SER C 60 61.80 20.29 36.70
C SER C 60 60.58 21.09 37.12
N ILE C 61 59.61 21.18 36.22
CA ILE C 61 58.40 21.94 36.51
C ILE C 61 57.68 21.36 37.73
N MET C 62 57.16 20.13 37.63
CA MET C 62 56.44 19.54 38.75
C MET C 62 57.30 19.37 39.99
N GLY C 63 58.60 19.23 39.79
CA GLY C 63 59.49 19.07 40.92
C GLY C 63 59.43 20.27 41.84
N GLN C 64 59.05 21.43 41.32
CA GLN C 64 59.00 22.63 42.15
C GLN C 64 57.70 22.71 42.96
N PHE C 65 56.81 21.74 42.77
CA PHE C 65 55.56 21.73 43.50
C PHE C 65 55.51 20.61 44.53
N ASP C 66 54.50 20.68 45.39
CA ASP C 66 54.34 19.70 46.44
C ASP C 66 52.96 19.85 47.09
N HIS C 67 52.03 19.03 46.63
CA HIS C 67 50.66 19.09 47.12
C HIS C 67 50.01 17.74 46.85
N PRO C 68 49.08 17.33 47.71
CA PRO C 68 48.40 16.04 47.58
C PRO C 68 47.56 15.90 46.31
N ASN C 69 47.30 17.01 45.64
CA ASN C 69 46.52 16.97 44.41
C ASN C 69 47.35 17.36 43.20
N VAL C 70 48.65 17.22 43.36
CA VAL C 70 49.60 17.48 42.29
C VAL C 70 50.53 16.29 42.27
N ILE C 71 50.66 15.64 41.10
CA ILE C 71 51.52 14.46 40.98
C ILE C 71 52.86 14.65 41.65
N HIS C 72 53.16 13.77 42.58
CA HIS C 72 54.42 13.82 43.33
C HIS C 72 55.59 13.25 42.54
N LEU C 73 56.69 14.00 42.52
CA LEU C 73 57.92 13.61 41.84
C LEU C 73 58.87 12.95 42.82
N GLU C 74 59.29 11.71 42.54
CA GLU C 74 60.24 11.04 43.41
C GLU C 74 61.64 11.51 43.01
N GLY C 75 61.85 11.71 41.72
CA GLY C 75 63.13 12.16 41.21
C GLY C 75 63.41 11.77 39.76
N VAL C 76 64.66 11.86 39.32
CA VAL C 76 65.00 11.52 37.96
C VAL C 76 66.33 10.78 37.82
N VAL C 77 66.51 10.08 36.69
CA VAL C 77 67.76 9.37 36.41
C VAL C 77 68.30 9.90 35.10
N THR C 78 69.45 10.54 35.17
CA THR C 78 70.08 11.15 33.99
C THR C 78 71.54 10.73 33.82
N LYS C 79 72.15 10.28 34.91
CA LYS C 79 73.56 9.87 34.88
C LYS C 79 73.76 8.63 34.03
N SER C 80 72.81 7.70 34.09
CA SER C 80 72.91 6.46 33.34
C SER C 80 71.76 6.30 32.34
N THR C 81 71.69 5.12 31.71
CA THR C 81 70.64 4.85 30.73
C THR C 81 69.72 3.72 31.18
N PRO C 82 68.41 3.86 30.90
CA PRO C 82 67.76 4.98 30.21
C PRO C 82 67.40 6.16 31.11
N VAL C 83 67.25 7.33 30.51
CA VAL C 83 66.87 8.53 31.25
C VAL C 83 65.45 8.29 31.80
N MET C 84 65.22 8.49 33.09
CA MET C 84 63.89 8.28 33.68
C MET C 84 63.34 9.42 34.53
N ILE C 85 62.03 9.43 34.71
CA ILE C 85 61.36 10.41 35.57
C ILE C 85 60.43 9.54 36.43
N ILE C 86 60.79 9.37 37.69
CA ILE C 86 60.01 8.55 38.61
C ILE C 86 58.98 9.40 39.34
N THR C 87 57.73 8.93 39.38
CA THR C 87 56.66 9.65 40.06
C THR C 87 55.79 8.66 40.81
N GLU C 88 54.87 9.18 41.61
CA GLU C 88 53.96 8.33 42.39
C GLU C 88 53.06 7.55 41.43
N PHE C 89 52.59 6.40 41.89
CA PHE C 89 51.73 5.52 41.11
C PHE C 89 50.26 5.88 41.24
N MET C 90 49.58 5.96 40.10
CA MET C 90 48.16 6.28 40.04
C MET C 90 47.48 5.14 39.28
N GLU C 91 47.06 4.11 40.02
CA GLU C 91 46.45 2.92 39.43
C GLU C 91 45.33 3.14 38.43
N ASN C 92 44.50 4.17 38.62
CA ASN C 92 43.40 4.38 37.69
C ASN C 92 43.70 5.25 36.47
N GLY C 93 44.98 5.53 36.23
CA GLY C 93 45.38 6.31 35.08
C GLY C 93 44.64 7.63 34.84
N SER C 94 44.54 8.02 33.57
CA SER C 94 43.87 9.26 33.20
C SER C 94 42.40 9.30 33.60
N LEU C 95 41.99 10.44 34.12
CA LEU C 95 40.62 10.63 34.59
C LEU C 95 39.56 10.47 33.51
N ASP C 96 39.85 10.98 32.32
CA ASP C 96 38.87 10.92 31.24
C ASP C 96 38.58 9.48 30.83
N SER C 97 39.62 8.69 30.59
CA SER C 97 39.43 7.31 30.20
C SER C 97 38.88 6.54 31.41
N PHE C 98 39.24 6.97 32.62
CA PHE C 98 38.75 6.29 33.81
C PHE C 98 37.24 6.45 33.97
N LEU C 99 36.74 7.64 33.67
CA LEU C 99 35.31 7.90 33.78
C LEU C 99 34.54 7.22 32.65
N ARG C 100 35.15 7.11 31.48
CA ARG C 100 34.48 6.45 30.36
C ARG C 100 34.35 4.96 30.60
N GLN C 101 35.13 4.44 31.55
CA GLN C 101 35.06 3.02 31.87
C GLN C 101 34.14 2.75 33.04
N ASN C 102 33.58 3.79 33.62
CA ASN C 102 32.69 3.63 34.75
C ASN C 102 31.50 4.56 34.62
N ASP C 103 30.95 4.60 33.41
CA ASP C 103 29.82 5.46 33.13
C ASP C 103 28.68 5.26 34.13
N GLY C 104 28.32 6.32 34.82
CA GLY C 104 27.23 6.27 35.78
C GLY C 104 27.44 5.35 36.95
N GLN C 105 28.69 5.08 37.30
CA GLN C 105 28.99 4.19 38.42
C GLN C 105 29.32 4.93 39.72
N PHE C 106 29.18 6.26 39.71
CA PHE C 106 29.51 7.04 40.89
C PHE C 106 28.37 7.93 41.38
N THR C 107 28.43 8.34 42.64
CA THR C 107 27.41 9.20 43.19
C THR C 107 27.79 10.68 43.00
N VAL C 108 26.83 11.57 43.16
CA VAL C 108 27.11 12.98 43.02
C VAL C 108 28.15 13.41 44.03
N ILE C 109 28.14 12.78 45.20
CA ILE C 109 29.10 13.10 46.24
C ILE C 109 30.50 12.65 45.80
N GLN C 110 30.61 11.46 45.21
CA GLN C 110 31.92 10.98 44.79
C GLN C 110 32.50 11.89 43.71
N LEU C 111 31.69 12.17 42.68
CA LEU C 111 32.11 13.05 41.59
C LEU C 111 32.56 14.41 42.13
N VAL C 112 31.77 14.98 43.04
CA VAL C 112 32.11 16.27 43.63
C VAL C 112 33.46 16.14 44.32
N GLY C 113 33.71 14.98 44.90
CA GLY C 113 34.97 14.74 45.58
C GLY C 113 36.12 14.88 44.60
N MET C 114 35.97 14.26 43.44
CA MET C 114 36.99 14.31 42.40
C MET C 114 37.24 15.76 41.99
N LEU C 115 36.16 16.51 41.84
CA LEU C 115 36.26 17.91 41.43
C LEU C 115 36.94 18.80 42.47
N ARG C 116 36.66 18.56 43.75
CA ARG C 116 37.28 19.37 44.80
C ARG C 116 38.79 19.14 44.80
N GLY C 117 39.19 17.87 44.70
CA GLY C 117 40.60 17.52 44.67
C GLY C 117 41.33 18.27 43.58
N ILE C 118 40.77 18.23 42.37
CA ILE C 118 41.34 18.93 41.24
C ILE C 118 41.34 20.43 41.52
N ALA C 119 40.28 20.92 42.14
CA ALA C 119 40.17 22.34 42.46
C ALA C 119 41.22 22.76 43.49
N ALA C 120 41.49 21.89 44.47
CA ALA C 120 42.46 22.20 45.52
C ALA C 120 43.87 22.29 44.92
N GLY C 121 44.15 21.39 43.99
CA GLY C 121 45.44 21.39 43.35
C GLY C 121 45.59 22.63 42.50
N MET C 122 44.57 22.99 41.73
CA MET C 122 44.70 24.18 40.91
C MET C 122 44.82 25.42 41.79
N LYS C 123 44.21 25.37 42.97
CA LYS C 123 44.23 26.47 43.92
C LYS C 123 45.68 26.63 44.37
N TYR C 124 46.31 25.50 44.67
CA TYR C 124 47.71 25.49 45.09
C TYR C 124 48.56 26.05 43.96
N LEU C 125 48.40 25.51 42.76
CA LEU C 125 49.18 26.00 41.63
C LEU C 125 49.02 27.52 41.44
N ALA C 126 47.79 28.00 41.51
CA ALA C 126 47.55 29.44 41.34
C ALA C 126 48.29 30.20 42.43
N ASP C 127 48.16 29.73 43.67
CA ASP C 127 48.85 30.37 44.78
C ASP C 127 50.35 30.32 44.51
N MET C 128 50.84 29.30 43.83
CA MET C 128 52.27 29.23 43.54
C MET C 128 52.57 30.01 42.27
N ASN C 129 51.55 30.74 41.80
CA ASN C 129 51.67 31.56 40.61
C ASN C 129 51.99 30.79 39.34
N TYR C 130 51.45 29.57 39.23
CA TYR C 130 51.66 28.72 38.06
C TYR C 130 50.39 28.63 37.20
N VAL C 131 50.52 28.88 35.90
CA VAL C 131 49.38 28.81 35.00
C VAL C 131 49.52 27.54 34.18
N HIS C 132 48.64 26.58 34.41
CA HIS C 132 48.70 25.31 33.71
C HIS C 132 48.57 25.40 32.20
N ARG C 133 47.65 26.23 31.73
CA ARG C 133 47.41 26.40 30.29
C ARG C 133 46.77 25.21 29.61
N ALA C 134 46.92 24.02 30.17
CA ALA C 134 46.35 22.84 29.52
C ALA C 134 45.50 21.99 30.43
N LEU C 135 44.72 22.62 31.29
CA LEU C 135 43.87 21.87 32.20
C LEU C 135 42.75 21.14 31.44
N ALA C 136 42.71 19.81 31.59
CA ALA C 136 41.70 18.96 30.95
C ALA C 136 41.68 17.58 31.63
N ALA C 137 40.54 16.87 31.57
CA ALA C 137 40.47 15.56 32.22
C ALA C 137 41.62 14.62 31.84
N ARG C 138 42.03 14.65 30.58
CA ARG C 138 43.11 13.77 30.14
C ARG C 138 44.42 14.08 30.86
N ASN C 139 44.54 15.28 31.43
CA ASN C 139 45.79 15.62 32.10
C ASN C 139 45.76 15.49 33.62
N ILE C 140 44.80 14.73 34.12
CA ILE C 140 44.63 14.49 35.54
C ILE C 140 44.68 12.98 35.82
N LEU C 141 45.48 12.55 36.81
CA LEU C 141 45.59 11.14 37.15
C LEU C 141 44.73 10.83 38.38
N VAL C 142 44.32 9.57 38.52
CA VAL C 142 43.47 9.15 39.60
C VAL C 142 44.00 7.87 40.25
N ASN C 143 44.01 7.84 41.58
CA ASN C 143 44.52 6.66 42.28
C ASN C 143 43.38 5.74 42.75
N SER C 144 43.73 4.65 43.44
CA SER C 144 42.75 3.69 43.90
C SER C 144 41.65 4.30 44.74
N ASN C 145 41.99 5.30 45.53
CA ASN C 145 41.02 5.96 46.39
C ASN C 145 40.22 7.02 45.64
N LEU C 146 40.41 7.11 44.33
CA LEU C 146 39.73 8.09 43.49
C LEU C 146 40.23 9.52 43.65
N VAL C 147 41.37 9.67 44.32
CA VAL C 147 41.94 10.99 44.50
C VAL C 147 42.52 11.40 43.17
N CYS C 148 42.16 12.60 42.73
CA CYS C 148 42.58 13.14 41.46
C CYS C 148 43.72 14.12 41.64
N LYS C 149 44.70 14.07 40.75
CA LYS C 149 45.85 14.96 40.85
C LYS C 149 46.22 15.53 39.49
N VAL C 150 46.61 16.80 39.48
CA VAL C 150 47.00 17.49 38.25
C VAL C 150 48.35 16.97 37.74
N SER C 151 48.44 16.79 36.43
CA SER C 151 49.68 16.33 35.81
C SER C 151 49.95 17.13 34.56
N ASP C 152 50.80 16.59 33.68
CA ASP C 152 51.17 17.25 32.44
C ASP C 152 51.83 18.59 32.68
N PHE C 153 53.07 18.53 33.17
CA PHE C 153 53.84 19.72 33.46
C PHE C 153 54.99 19.87 32.45
N GLY C 154 54.97 19.03 31.42
CA GLY C 154 56.00 19.08 30.39
C GLY C 154 55.76 20.19 29.39
N PRO C 177 44.41 23.29 22.72
CA PRO C 177 43.13 22.67 23.13
C PRO C 177 42.09 23.76 23.19
N ILE C 178 41.62 24.21 22.03
CA ILE C 178 40.67 25.31 22.04
C ILE C 178 39.37 25.06 22.80
N ARG C 179 38.80 23.87 22.69
CA ARG C 179 37.55 23.62 23.39
C ARG C 179 37.70 23.61 24.91
N TRP C 180 38.95 23.67 25.36
CA TRP C 180 39.30 23.69 26.78
C TRP C 180 39.87 25.06 27.14
N THR C 181 40.15 25.87 26.12
CA THR C 181 40.76 27.17 26.39
C THR C 181 39.81 28.35 26.43
N ALA C 182 40.09 29.31 27.32
CA ALA C 182 39.23 30.48 27.43
C ALA C 182 39.35 31.38 26.19
N PRO C 183 38.26 32.06 25.82
CA PRO C 183 38.23 32.96 24.66
C PRO C 183 39.43 33.90 24.54
N GLU C 184 39.82 34.55 25.63
CA GLU C 184 40.94 35.48 25.60
C GLU C 184 42.27 34.77 25.32
N ALA C 185 42.44 33.60 25.92
CA ALA C 185 43.66 32.81 25.75
C ALA C 185 43.81 32.33 24.31
N ILE C 186 42.67 32.08 23.65
CA ILE C 186 42.66 31.62 22.27
C ILE C 186 42.91 32.76 21.29
N GLN C 187 42.32 33.92 21.58
CA GLN C 187 42.46 35.09 20.71
C GLN C 187 43.73 35.91 20.86
N TYR C 188 44.10 36.20 22.11
CA TYR C 188 45.28 37.02 22.38
C TYR C 188 46.41 36.27 23.04
N ARG C 189 46.29 34.96 23.14
CA ARG C 189 47.31 34.13 23.77
C ARG C 189 47.52 34.60 25.21
N LYS C 190 46.44 35.13 25.79
CA LYS C 190 46.46 35.63 27.16
C LYS C 190 46.08 34.52 28.15
N PHE C 191 47.07 33.82 28.67
CA PHE C 191 46.83 32.76 29.61
C PHE C 191 47.05 33.25 31.03
N THR C 192 46.06 33.02 31.88
CA THR C 192 46.09 33.45 33.28
C THR C 192 45.37 32.40 34.12
N SER C 193 45.53 32.44 35.44
CA SER C 193 44.82 31.47 36.29
C SER C 193 43.35 31.52 35.95
N ALA C 194 42.89 32.71 35.55
CA ALA C 194 41.50 32.92 35.17
C ALA C 194 41.16 32.10 33.93
N SER C 195 42.10 31.96 32.99
CA SER C 195 41.81 31.15 31.81
C SER C 195 41.86 29.68 32.22
N ASP C 196 42.54 29.39 33.31
CA ASP C 196 42.59 28.02 33.79
C ASP C 196 41.24 27.69 34.41
N VAL C 197 40.57 28.71 34.95
CA VAL C 197 39.26 28.53 35.59
C VAL C 197 38.22 28.13 34.57
N TRP C 198 38.35 28.70 33.38
CA TRP C 198 37.45 28.38 32.28
C TRP C 198 37.67 26.89 32.00
N SER C 199 38.92 26.50 31.82
CA SER C 199 39.27 25.11 31.55
C SER C 199 38.73 24.24 32.67
N TYR C 200 38.88 24.71 33.91
CA TYR C 200 38.36 23.94 35.03
C TYR C 200 36.87 23.71 34.82
N GLY C 201 36.17 24.70 34.28
CA GLY C 201 34.76 24.54 34.03
C GLY C 201 34.49 23.39 33.07
N ILE C 202 35.32 23.31 32.02
CA ILE C 202 35.20 22.26 31.02
C ILE C 202 35.47 20.93 31.72
N VAL C 203 36.48 20.90 32.57
CA VAL C 203 36.79 19.67 33.28
C VAL C 203 35.59 19.20 34.09
N MET C 204 34.91 20.13 34.76
CA MET C 204 33.73 19.79 35.56
C MET C 204 32.72 19.07 34.69
N TRP C 205 32.59 19.56 33.46
CA TRP C 205 31.67 18.98 32.50
C TRP C 205 32.10 17.60 32.08
N GLU C 206 33.39 17.40 31.86
CA GLU C 206 33.88 16.09 31.45
C GLU C 206 33.59 15.08 32.55
N VAL C 207 33.79 15.49 33.79
CA VAL C 207 33.57 14.61 34.92
C VAL C 207 32.10 14.21 35.06
N MET C 208 31.22 15.19 35.14
CA MET C 208 29.80 14.92 35.28
C MET C 208 29.21 14.21 34.04
N SER C 209 29.92 14.27 32.91
CA SER C 209 29.42 13.58 31.72
C SER C 209 30.18 12.26 31.52
N TYR C 210 30.94 11.88 32.55
CA TYR C 210 31.71 10.66 32.52
C TYR C 210 32.66 10.52 31.33
N GLY C 211 33.43 11.56 31.08
CA GLY C 211 34.41 11.53 30.01
C GLY C 211 33.95 11.86 28.61
N GLU C 212 32.74 12.38 28.50
CA GLU C 212 32.23 12.73 27.20
C GLU C 212 33.16 13.80 26.61
N ARG C 213 33.19 13.91 25.30
CA ARG C 213 34.04 14.90 24.67
C ARG C 213 33.33 16.25 24.66
N PRO C 214 33.98 17.30 25.20
CA PRO C 214 33.39 18.64 25.25
C PRO C 214 32.90 19.09 23.86
N TYR C 215 31.67 19.59 23.80
CA TYR C 215 31.06 20.05 22.56
C TYR C 215 30.88 18.91 21.57
N TRP C 216 31.06 17.67 22.06
CA TRP C 216 30.90 16.48 21.25
C TRP C 216 31.69 16.47 19.92
N ASP C 217 31.00 16.22 18.81
CA ASP C 217 31.63 16.18 17.51
C ASP C 217 31.73 17.57 16.85
N MET C 218 31.43 18.62 17.61
CA MET C 218 31.53 19.97 17.07
C MET C 218 32.95 20.25 16.66
N THR C 219 33.12 21.08 15.64
CA THR C 219 34.45 21.44 15.15
C THR C 219 35.03 22.55 16.02
N ASN C 220 36.36 22.68 16.04
CA ASN C 220 36.98 23.72 16.84
C ASN C 220 36.44 25.11 16.48
N GLN C 221 36.30 25.38 15.18
CA GLN C 221 35.78 26.66 14.73
C GLN C 221 34.32 26.82 15.14
N ASP C 222 33.58 25.72 15.12
CA ASP C 222 32.18 25.77 15.52
C ASP C 222 32.10 26.10 16.99
N VAL C 223 33.02 25.53 17.76
CA VAL C 223 33.05 25.77 19.19
C VAL C 223 33.35 27.24 19.42
N ILE C 224 34.32 27.74 18.68
CA ILE C 224 34.69 29.14 18.81
C ILE C 224 33.50 30.02 18.47
N ASN C 225 32.87 29.76 17.32
CA ASN C 225 31.71 30.54 16.93
C ASN C 225 30.57 30.43 17.93
N ALA C 226 30.38 29.22 18.45
CA ALA C 226 29.32 28.98 19.41
C ALA C 226 29.55 29.82 20.67
N ILE C 227 30.76 29.77 21.22
CA ILE C 227 31.09 30.53 22.42
C ILE C 227 30.80 31.99 22.18
N GLU C 228 31.13 32.47 20.97
CA GLU C 228 30.89 33.86 20.60
C GLU C 228 29.39 34.14 20.62
N GLN C 229 28.61 33.20 20.11
CA GLN C 229 27.15 33.34 20.08
C GLN C 229 26.55 33.20 21.49
N ASP C 230 27.40 33.20 22.51
CA ASP C 230 26.95 33.08 23.89
C ASP C 230 26.40 31.70 24.24
N TYR C 231 26.83 30.69 23.49
CA TYR C 231 26.42 29.32 23.72
C TYR C 231 27.25 28.74 24.86
N ARG C 232 26.68 27.85 25.65
CA ARG C 232 27.39 27.23 26.76
C ARG C 232 26.97 25.78 26.86
N LEU C 233 27.88 24.89 27.30
CA LEU C 233 27.53 23.49 27.40
C LEU C 233 26.32 23.27 28.34
N PRO C 234 25.37 22.43 27.91
CA PRO C 234 24.16 22.13 28.70
C PRO C 234 24.57 21.28 29.90
N PRO C 235 23.62 21.05 30.83
CA PRO C 235 23.86 20.25 32.02
C PRO C 235 23.98 18.77 31.67
N PRO C 236 25.06 18.08 32.09
CA PRO C 236 25.22 16.65 31.79
C PRO C 236 24.16 15.83 32.54
N MET C 237 23.85 14.63 32.02
CA MET C 237 22.85 13.80 32.68
C MET C 237 23.13 13.60 34.17
N ASP C 238 22.07 13.68 34.95
CA ASP C 238 22.13 13.51 36.39
C ASP C 238 23.08 14.50 37.08
N CYS C 239 23.16 15.70 36.53
CA CYS C 239 24.02 16.73 37.11
C CYS C 239 23.19 17.80 37.80
N PRO C 240 23.43 18.02 39.09
CA PRO C 240 22.68 19.02 39.84
C PRO C 240 22.81 20.42 39.23
N SER C 241 21.70 21.11 39.12
CA SER C 241 21.70 22.44 38.56
C SER C 241 22.73 23.32 39.27
N ALA C 242 22.98 23.06 40.54
CA ALA C 242 23.96 23.87 41.27
C ALA C 242 25.38 23.69 40.69
N LEU C 243 25.75 22.44 40.39
CA LEU C 243 27.08 22.19 39.84
C LEU C 243 27.19 22.83 38.44
N HIS C 244 26.12 22.73 37.64
CA HIS C 244 26.14 23.33 36.31
C HIS C 244 26.28 24.85 36.40
N GLN C 245 25.65 25.46 37.41
CA GLN C 245 25.74 26.90 37.59
C GLN C 245 27.19 27.28 37.86
N LEU C 246 27.92 26.43 38.57
CA LEU C 246 29.32 26.68 38.87
C LEU C 246 30.10 26.63 37.56
N MET C 247 29.72 25.71 36.69
CA MET C 247 30.38 25.60 35.40
C MET C 247 30.15 26.93 34.67
N LEU C 248 28.89 27.35 34.58
CA LEU C 248 28.56 28.61 33.89
C LEU C 248 29.35 29.80 34.42
N ASP C 249 29.62 29.80 35.72
CA ASP C 249 30.38 30.88 36.31
C ASP C 249 31.82 30.82 35.82
N CYS C 250 32.34 29.60 35.68
CA CYS C 250 33.71 29.46 35.20
C CYS C 250 33.77 29.89 33.75
N TRP C 251 32.66 29.77 33.04
CA TRP C 251 32.62 30.12 31.62
C TRP C 251 32.10 31.53 31.31
N GLN C 252 32.46 32.50 32.15
CA GLN C 252 32.04 33.87 31.91
C GLN C 252 33.00 34.55 30.97
N LYS C 253 32.47 35.20 29.94
CA LYS C 253 33.30 35.87 28.93
C LYS C 253 34.41 36.72 29.57
N ASP C 254 34.04 37.48 30.58
CA ASP C 254 34.99 38.36 31.27
C ASP C 254 35.76 37.59 32.32
N ARG C 255 37.03 37.32 32.06
CA ARG C 255 37.86 36.58 32.98
C ARG C 255 37.82 37.18 34.39
N ASN C 256 37.71 38.50 34.48
CA ASN C 256 37.67 39.16 35.78
C ASN C 256 36.45 38.78 36.58
N HIS C 257 35.38 38.40 35.89
CA HIS C 257 34.18 38.01 36.61
C HIS C 257 34.20 36.56 36.99
N ARG C 258 35.12 35.78 36.42
CA ARG C 258 35.19 34.36 36.77
C ARG C 258 35.74 34.24 38.19
N PRO C 259 35.22 33.26 38.96
CA PRO C 259 35.65 33.02 40.32
C PRO C 259 37.08 32.50 40.37
N LYS C 260 37.69 32.60 41.55
CA LYS C 260 39.05 32.15 41.79
C LYS C 260 38.96 30.72 42.30
N PHE C 261 40.00 29.93 42.07
CA PHE C 261 39.99 28.55 42.52
C PHE C 261 39.67 28.45 44.01
N GLY C 262 40.12 29.44 44.79
CA GLY C 262 39.84 29.43 46.22
C GLY C 262 38.35 29.41 46.48
N GLN C 263 37.64 30.25 45.73
CA GLN C 263 36.19 30.34 45.82
C GLN C 263 35.58 29.02 45.34
N ILE C 264 36.06 28.52 44.20
CA ILE C 264 35.53 27.26 43.70
C ILE C 264 35.57 26.21 44.80
N VAL C 265 36.72 26.09 45.45
CA VAL C 265 36.89 25.12 46.53
C VAL C 265 35.82 25.37 47.60
N ASN C 266 35.70 26.61 48.06
CA ASN C 266 34.72 26.93 49.08
C ASN C 266 33.28 26.58 48.66
N THR C 267 32.95 26.85 47.40
CA THR C 267 31.63 26.54 46.87
C THR C 267 31.41 25.03 46.94
N LEU C 268 32.40 24.27 46.51
CA LEU C 268 32.25 22.82 46.54
C LEU C 268 32.08 22.32 47.97
N ASP C 269 32.85 22.89 48.89
CA ASP C 269 32.78 22.47 50.29
C ASP C 269 31.42 22.75 50.91
N LYS C 270 30.77 23.83 50.47
CA LYS C 270 29.46 24.16 51.00
C LYS C 270 28.47 23.10 50.52
N MET C 271 28.75 22.51 49.37
CA MET C 271 27.87 21.49 48.79
C MET C 271 27.92 20.20 49.58
N ILE C 272 29.06 19.93 50.21
CA ILE C 272 29.18 18.73 50.99
C ILE C 272 28.48 18.93 52.32
N ARG C 273 28.55 20.15 52.85
CA ARG C 273 27.90 20.47 54.13
C ARG C 273 26.40 20.34 53.97
N ASN C 274 25.89 20.84 52.85
CA ASN C 274 24.45 20.81 52.56
C ASN C 274 24.14 19.87 51.40
N PRO C 275 24.24 18.53 51.62
CA PRO C 275 23.97 17.54 50.57
C PRO C 275 22.64 17.72 49.84
N ASN C 276 21.75 18.50 50.44
CA ASN C 276 20.45 18.76 49.83
C ASN C 276 20.53 19.85 48.75
N SER C 277 21.63 20.60 48.74
CA SER C 277 21.78 21.67 47.75
C SER C 277 22.09 21.05 46.40
N LEU C 278 22.48 19.77 46.41
CA LEU C 278 22.79 19.05 45.19
C LEU C 278 21.59 18.23 44.74
N LYS C 279 20.54 18.23 45.56
CA LYS C 279 19.33 17.50 45.24
C LYS C 279 18.62 18.16 44.06
N ALA C 280 18.59 19.49 44.06
CA ALA C 280 17.95 20.25 42.98
C ALA C 280 18.59 19.88 41.64
N MET C 281 17.93 18.99 40.89
CA MET C 281 18.43 18.53 39.60
C MET C 281 18.07 19.52 38.49
N SER D 1 29.35 0.21 -0.34
CA SER D 1 30.66 -0.48 -0.49
C SER D 1 30.90 -1.06 -1.89
N LYS D 2 30.18 -2.13 -2.23
CA LYS D 2 30.31 -2.80 -3.54
C LYS D 2 30.05 -1.88 -4.73
N GLU D 3 31.11 -1.59 -5.48
CA GLU D 3 30.98 -0.71 -6.64
C GLU D 3 30.34 -1.42 -7.83
N ILE D 4 29.32 -0.78 -8.41
CA ILE D 4 28.61 -1.33 -9.57
C ILE D 4 28.79 -0.42 -10.79
N ASP D 5 29.08 -1.03 -11.93
CA ASP D 5 29.27 -0.26 -13.15
C ASP D 5 27.90 0.23 -13.65
N ILE D 6 27.87 1.44 -14.19
CA ILE D 6 26.64 2.02 -14.67
C ILE D 6 25.96 1.16 -15.74
N SER D 7 26.76 0.42 -16.51
CA SER D 7 26.18 -0.40 -17.56
C SER D 7 25.31 -1.54 -17.04
N CYS D 8 25.35 -1.76 -15.72
CA CYS D 8 24.56 -2.81 -15.11
C CYS D 8 23.22 -2.27 -14.64
N VAL D 9 23.10 -0.94 -14.64
CA VAL D 9 21.87 -0.32 -14.17
C VAL D 9 21.01 0.25 -15.27
N LYS D 10 19.71 0.01 -15.19
CA LYS D 10 18.82 0.55 -16.19
C LYS D 10 17.68 1.30 -15.49
N ILE D 11 17.80 2.63 -15.38
CA ILE D 11 16.75 3.44 -14.74
C ILE D 11 15.46 3.31 -15.52
N GLU D 12 14.34 3.08 -14.85
CA GLU D 12 13.07 2.96 -15.56
C GLU D 12 12.03 4.00 -15.17
N GLN D 13 12.00 4.40 -13.91
CA GLN D 13 11.00 5.37 -13.49
C GLN D 13 11.32 6.10 -12.20
N VAL D 14 11.12 7.41 -12.21
CA VAL D 14 11.33 8.23 -11.01
C VAL D 14 10.13 7.89 -10.11
N ILE D 15 10.39 7.44 -8.89
CA ILE D 15 9.30 7.07 -7.98
C ILE D 15 9.21 7.87 -6.70
N GLY D 16 10.26 8.60 -6.36
CA GLY D 16 10.21 9.38 -5.14
C GLY D 16 11.21 10.50 -5.10
N ALA D 17 11.32 11.11 -3.93
CA ALA D 17 12.25 12.21 -3.70
C ALA D 17 12.95 12.03 -2.36
N GLY D 18 14.27 12.10 -2.39
CA GLY D 18 15.05 11.96 -1.17
C GLY D 18 15.75 13.27 -0.84
N GLU D 19 16.24 13.38 0.40
CA GLU D 19 16.94 14.58 0.84
C GLU D 19 18.11 14.94 -0.06
N PHE D 20 18.74 13.92 -0.64
CA PHE D 20 19.88 14.13 -1.52
C PHE D 20 19.55 14.12 -3.00
N GLY D 21 18.35 13.70 -3.35
CA GLY D 21 17.98 13.65 -4.75
C GLY D 21 16.80 12.74 -4.99
N GLU D 22 16.49 12.47 -6.24
CA GLU D 22 15.35 11.61 -6.57
C GLU D 22 15.66 10.12 -6.39
N VAL D 23 14.59 9.32 -6.27
CA VAL D 23 14.72 7.88 -6.10
C VAL D 23 14.00 7.22 -7.28
N CYS D 24 14.72 6.41 -8.05
CA CYS D 24 14.11 5.75 -9.20
C CYS D 24 13.93 4.28 -8.98
N SER D 25 13.33 3.64 -9.97
CA SER D 25 13.17 2.22 -9.93
C SER D 25 13.77 1.74 -11.25
N GLY D 26 14.23 0.50 -11.28
CA GLY D 26 14.84 -0.04 -12.49
C GLY D 26 15.31 -1.45 -12.29
N HIS D 27 16.15 -1.92 -13.21
CA HIS D 27 16.67 -3.29 -13.13
C HIS D 27 18.19 -3.32 -12.96
N LEU D 28 18.68 -4.34 -12.26
CA LEU D 28 20.12 -4.52 -12.03
C LEU D 28 20.54 -5.83 -12.69
N LYS D 29 21.45 -5.73 -13.65
CA LYS D 29 21.94 -6.91 -14.34
C LYS D 29 23.45 -7.06 -14.13
N LEU D 30 23.82 -7.92 -13.19
CA LEU D 30 25.24 -8.17 -12.90
C LEU D 30 25.69 -9.44 -13.60
N PRO D 31 26.95 -9.49 -14.03
CA PRO D 31 27.42 -10.70 -14.70
C PRO D 31 27.33 -11.92 -13.83
N GLY D 32 26.81 -13.00 -14.41
CA GLY D 32 26.68 -14.26 -13.70
C GLY D 32 25.41 -14.40 -12.91
N LYS D 33 24.73 -13.29 -12.67
CA LYS D 33 23.49 -13.29 -11.91
C LYS D 33 22.31 -12.79 -12.75
N ARG D 34 21.12 -13.23 -12.40
CA ARG D 34 19.91 -12.85 -13.12
C ARG D 34 19.44 -11.43 -12.77
N GLU D 35 18.78 -10.79 -13.73
CA GLU D 35 18.28 -9.44 -13.56
C GLU D 35 17.28 -9.34 -12.39
N ILE D 36 17.36 -8.26 -11.61
CA ILE D 36 16.45 -8.08 -10.49
C ILE D 36 15.89 -6.66 -10.47
N PHE D 37 14.63 -6.53 -10.06
CA PHE D 37 14.01 -5.21 -9.98
C PHE D 37 14.68 -4.56 -8.78
N VAL D 38 15.06 -3.30 -8.90
CA VAL D 38 15.76 -2.64 -7.81
C VAL D 38 15.42 -1.14 -7.67
N ALA D 39 15.87 -0.54 -6.57
CA ALA D 39 15.65 0.88 -6.30
C ALA D 39 16.99 1.64 -6.42
N ILE D 40 16.94 2.83 -6.99
CA ILE D 40 18.14 3.61 -7.20
C ILE D 40 18.05 5.02 -6.63
N LYS D 41 18.67 5.26 -5.48
CA LYS D 41 18.65 6.57 -4.88
C LYS D 41 19.82 7.33 -5.51
N THR D 42 19.54 8.52 -6.01
CA THR D 42 20.57 9.32 -6.67
C THR D 42 20.90 10.57 -5.87
N LEU D 43 22.09 11.13 -6.14
CA LEU D 43 22.58 12.34 -5.49
C LEU D 43 22.45 13.49 -6.50
N LYS D 44 21.62 14.49 -6.18
CA LYS D 44 21.40 15.64 -7.06
C LYS D 44 22.74 16.25 -7.49
N SER D 45 22.81 16.66 -8.75
CA SER D 45 24.04 17.24 -9.26
C SER D 45 24.25 18.61 -8.63
N GLY D 46 25.52 19.01 -8.56
CA GLY D 46 25.86 20.29 -7.98
C GLY D 46 26.02 20.15 -6.48
N TYR D 47 26.26 18.91 -6.05
CA TYR D 47 26.42 18.59 -4.64
C TYR D 47 27.77 19.06 -4.11
N THR D 48 27.88 19.18 -2.79
CA THR D 48 29.13 19.62 -2.17
C THR D 48 29.98 18.39 -1.91
N GLU D 49 31.22 18.60 -1.47
CA GLU D 49 32.06 17.44 -1.20
C GLU D 49 31.57 16.70 0.05
N LYS D 50 30.95 17.43 0.98
CA LYS D 50 30.42 16.84 2.20
C LYS D 50 29.16 16.01 1.92
N GLN D 51 28.29 16.53 1.07
CA GLN D 51 27.05 15.83 0.70
C GLN D 51 27.33 14.48 0.06
N ARG D 52 28.32 14.43 -0.83
CA ARG D 52 28.66 13.18 -1.48
C ARG D 52 29.16 12.19 -0.41
N ARG D 53 29.91 12.71 0.56
CA ARG D 53 30.45 11.89 1.64
C ARG D 53 29.32 11.35 2.52
N ASP D 54 28.41 12.24 2.92
CA ASP D 54 27.30 11.84 3.77
C ASP D 54 26.33 10.91 3.04
N PHE D 55 26.19 11.13 1.74
CA PHE D 55 25.29 10.33 0.92
C PHE D 55 25.74 8.89 0.87
N LEU D 56 26.98 8.69 0.43
CA LEU D 56 27.55 7.36 0.30
C LEU D 56 27.70 6.66 1.64
N SER D 57 27.95 7.42 2.71
CA SER D 57 28.14 6.81 4.02
C SER D 57 27.00 5.84 4.31
N GLU D 58 25.80 6.23 3.93
CA GLU D 58 24.63 5.40 4.16
C GLU D 58 24.77 3.98 3.57
N ALA D 59 25.33 3.89 2.36
CA ALA D 59 25.50 2.60 1.71
C ALA D 59 26.59 1.80 2.41
N SER D 60 27.52 2.54 3.00
CA SER D 60 28.62 1.93 3.72
C SER D 60 28.14 1.31 5.04
N ILE D 61 27.20 1.98 5.68
CA ILE D 61 26.68 1.47 6.95
C ILE D 61 25.72 0.30 6.77
N MET D 62 24.63 0.51 6.03
CA MET D 62 23.66 -0.57 5.83
C MET D 62 24.33 -1.78 5.15
N GLY D 63 25.45 -1.54 4.48
CA GLY D 63 26.15 -2.61 3.81
C GLY D 63 26.78 -3.62 4.75
N GLN D 64 27.00 -3.21 6.00
CA GLN D 64 27.60 -4.12 6.96
C GLN D 64 26.54 -4.99 7.62
N PHE D 65 25.28 -4.80 7.20
CA PHE D 65 24.20 -5.58 7.78
C PHE D 65 23.65 -6.63 6.83
N ASP D 66 22.93 -7.60 7.41
CA ASP D 66 22.37 -8.67 6.62
C ASP D 66 21.29 -9.41 7.37
N HIS D 67 20.09 -8.86 7.33
CA HIS D 67 18.94 -9.40 8.01
C HIS D 67 17.71 -9.13 7.11
N PRO D 68 16.75 -10.07 7.07
CA PRO D 68 15.54 -9.91 6.25
C PRO D 68 14.68 -8.69 6.60
N ASN D 69 14.94 -8.08 7.75
CA ASN D 69 14.19 -6.91 8.18
C ASN D 69 15.03 -5.64 8.12
N VAL D 70 16.13 -5.70 7.38
CA VAL D 70 17.01 -4.56 7.21
C VAL D 70 17.26 -4.44 5.71
N ILE D 71 16.97 -3.27 5.15
CA ILE D 71 17.14 -3.00 3.74
C ILE D 71 18.46 -3.53 3.24
N HIS D 72 18.40 -4.39 2.23
CA HIS D 72 19.57 -4.99 1.62
C HIS D 72 20.19 -4.06 0.58
N LEU D 73 21.52 -4.04 0.56
CA LEU D 73 22.27 -3.22 -0.39
C LEU D 73 22.83 -4.03 -1.55
N GLU D 74 22.67 -3.54 -2.77
CA GLU D 74 23.19 -4.25 -3.94
C GLU D 74 24.58 -3.69 -4.27
N GLY D 75 24.73 -2.38 -4.13
CA GLY D 75 26.01 -1.77 -4.42
C GLY D 75 25.84 -0.29 -4.62
N VAL D 76 26.85 0.37 -5.17
CA VAL D 76 26.78 1.79 -5.41
C VAL D 76 27.47 2.12 -6.72
N VAL D 77 27.24 3.33 -7.22
CA VAL D 77 27.87 3.77 -8.46
C VAL D 77 28.52 5.12 -8.15
N THR D 78 29.85 5.12 -8.08
CA THR D 78 30.58 6.35 -7.78
C THR D 78 31.41 6.85 -8.96
N LYS D 79 32.07 5.93 -9.64
CA LYS D 79 32.89 6.26 -10.79
C LYS D 79 32.02 6.69 -11.96
N SER D 80 31.02 7.51 -11.70
CA SER D 80 30.12 7.97 -12.76
C SER D 80 29.13 9.00 -12.24
N THR D 81 28.48 9.74 -13.14
CA THR D 81 27.50 10.75 -12.77
C THR D 81 26.14 10.35 -13.32
N PRO D 82 25.09 10.40 -12.48
CA PRO D 82 25.15 10.80 -11.07
C PRO D 82 25.47 9.66 -10.10
N VAL D 83 25.93 10.03 -8.92
CA VAL D 83 26.26 9.06 -7.89
C VAL D 83 24.96 8.45 -7.40
N MET D 84 24.96 7.14 -7.15
CA MET D 84 23.75 6.50 -6.69
C MET D 84 23.95 5.27 -5.82
N ILE D 85 22.90 4.92 -5.07
CA ILE D 85 22.92 3.76 -4.19
C ILE D 85 21.83 2.80 -4.67
N ILE D 86 22.16 1.54 -4.84
CA ILE D 86 21.20 0.56 -5.32
C ILE D 86 20.80 -0.44 -4.25
N THR D 87 19.53 -0.44 -3.88
CA THR D 87 19.04 -1.32 -2.83
C THR D 87 17.83 -2.11 -3.30
N GLU D 88 17.42 -3.14 -2.55
CA GLU D 88 16.27 -3.93 -2.95
C GLU D 88 15.05 -3.04 -3.11
N PHE D 89 14.15 -3.45 -4.00
CA PHE D 89 12.94 -2.69 -4.25
C PHE D 89 11.84 -3.02 -3.24
N MET D 90 11.11 -2.00 -2.79
CA MET D 90 10.04 -2.19 -1.83
C MET D 90 8.74 -1.59 -2.39
N GLU D 91 7.94 -2.45 -2.99
CA GLU D 91 6.67 -2.07 -3.61
C GLU D 91 5.92 -0.91 -2.95
N ASN D 92 5.48 -1.13 -1.71
CA ASN D 92 4.70 -0.14 -0.97
C ASN D 92 5.40 1.11 -0.48
N GLY D 93 6.72 1.10 -0.51
CA GLY D 93 7.46 2.26 -0.06
C GLY D 93 7.43 2.47 1.45
N SER D 94 7.44 3.74 1.85
CA SER D 94 7.43 4.12 3.26
C SER D 94 6.17 3.66 3.98
N LEU D 95 6.36 3.11 5.17
CA LEU D 95 5.29 2.59 6.00
C LEU D 95 4.27 3.65 6.41
N ASP D 96 4.74 4.82 6.82
CA ASP D 96 3.82 5.87 7.25
C ASP D 96 2.88 6.28 6.13
N SER D 97 3.44 6.43 4.94
CA SER D 97 2.68 6.83 3.78
C SER D 97 1.75 5.68 3.36
N PHE D 98 2.24 4.46 3.47
CA PHE D 98 1.50 3.26 3.12
C PHE D 98 0.28 3.07 4.02
N LEU D 99 0.46 3.25 5.33
CA LEU D 99 -0.63 3.11 6.28
C LEU D 99 -1.70 4.17 6.10
N ARG D 100 -1.29 5.42 5.85
CA ARG D 100 -2.25 6.51 5.68
C ARG D 100 -3.15 6.31 4.46
N GLN D 101 -2.66 5.54 3.50
CA GLN D 101 -3.41 5.26 2.28
C GLN D 101 -4.11 3.91 2.40
N ASN D 102 -4.24 3.44 3.62
CA ASN D 102 -4.90 2.17 3.89
C ASN D 102 -5.47 2.23 5.29
N ASP D 103 -6.01 3.40 5.64
CA ASP D 103 -6.62 3.64 6.95
C ASP D 103 -7.67 2.57 7.29
N GLY D 104 -7.40 1.77 8.31
CA GLY D 104 -8.34 0.75 8.74
C GLY D 104 -8.50 -0.49 7.87
N GLN D 105 -7.86 -0.49 6.71
CA GLN D 105 -7.96 -1.62 5.80
C GLN D 105 -7.11 -2.84 6.18
N PHE D 106 -6.66 -2.89 7.43
CA PHE D 106 -5.84 -4.02 7.89
C PHE D 106 -6.36 -4.61 9.21
N THR D 107 -5.99 -5.87 9.46
CA THR D 107 -6.40 -6.55 10.69
C THR D 107 -5.32 -6.36 11.76
N VAL D 108 -5.68 -6.57 13.01
CA VAL D 108 -4.74 -6.42 14.11
C VAL D 108 -3.55 -7.34 13.88
N ILE D 109 -3.83 -8.58 13.48
CA ILE D 109 -2.76 -9.52 13.24
C ILE D 109 -1.80 -9.03 12.16
N GLN D 110 -2.32 -8.41 11.12
CA GLN D 110 -1.43 -7.93 10.07
C GLN D 110 -0.53 -6.82 10.58
N LEU D 111 -1.12 -5.94 11.39
CA LEU D 111 -0.41 -4.82 11.98
C LEU D 111 0.68 -5.34 12.91
N VAL D 112 0.30 -6.27 13.78
CA VAL D 112 1.24 -6.85 14.71
C VAL D 112 2.39 -7.49 13.94
N GLY D 113 2.07 -8.04 12.77
CA GLY D 113 3.09 -8.67 11.95
C GLY D 113 4.12 -7.68 11.45
N MET D 114 3.66 -6.48 11.09
CA MET D 114 4.58 -5.46 10.63
C MET D 114 5.51 -5.09 11.80
N LEU D 115 4.91 -4.82 12.95
CA LEU D 115 5.68 -4.44 14.12
C LEU D 115 6.70 -5.52 14.53
N ARG D 116 6.38 -6.76 14.24
CA ARG D 116 7.23 -7.90 14.57
C ARG D 116 8.49 -7.84 13.70
N GLY D 117 8.27 -7.59 12.41
CA GLY D 117 9.36 -7.49 11.46
C GLY D 117 10.28 -6.33 11.81
N ILE D 118 9.70 -5.22 12.26
CA ILE D 118 10.52 -4.06 12.63
C ILE D 118 11.30 -4.41 13.90
N ALA D 119 10.60 -4.96 14.89
CA ALA D 119 11.26 -5.33 16.13
C ALA D 119 12.43 -6.30 15.87
N ALA D 120 12.20 -7.30 15.01
CA ALA D 120 13.24 -8.26 14.67
C ALA D 120 14.49 -7.58 14.10
N GLY D 121 14.28 -6.67 13.16
CA GLY D 121 15.39 -5.96 12.55
C GLY D 121 16.15 -5.12 13.55
N MET D 122 15.42 -4.51 14.47
CA MET D 122 16.02 -3.69 15.50
C MET D 122 16.85 -4.54 16.47
N LYS D 123 16.32 -5.70 16.84
CA LYS D 123 17.06 -6.58 17.74
C LYS D 123 18.38 -6.91 17.08
N TYR D 124 18.33 -7.21 15.79
CA TYR D 124 19.52 -7.52 15.01
C TYR D 124 20.50 -6.36 15.08
N LEU D 125 20.01 -5.16 14.80
CA LEU D 125 20.87 -3.99 14.85
C LEU D 125 21.44 -3.79 16.27
N ALA D 126 20.59 -3.96 17.28
CA ALA D 126 21.06 -3.78 18.64
C ALA D 126 22.14 -4.83 18.97
N ASP D 127 21.96 -6.04 18.48
CA ASP D 127 22.95 -7.08 18.72
C ASP D 127 24.24 -6.77 17.94
N MET D 128 24.09 -6.11 16.79
CA MET D 128 25.24 -5.70 15.99
C MET D 128 25.82 -4.44 16.63
N ASN D 129 25.29 -4.09 17.79
CA ASN D 129 25.73 -2.90 18.49
C ASN D 129 25.60 -1.64 17.62
N TYR D 130 24.45 -1.49 16.97
CA TYR D 130 24.22 -0.32 16.12
C TYR D 130 22.97 0.45 16.59
N VAL D 131 23.19 1.64 17.14
CA VAL D 131 22.08 2.46 17.62
C VAL D 131 21.57 3.22 16.39
N HIS D 132 20.29 3.08 16.07
CA HIS D 132 19.73 3.73 14.89
C HIS D 132 19.57 5.25 15.01
N ARG D 133 18.97 5.67 16.12
CA ARG D 133 18.77 7.10 16.40
C ARG D 133 17.67 7.82 15.64
N ALA D 134 17.30 7.31 14.46
CA ALA D 134 16.26 7.93 13.65
C ALA D 134 15.11 6.99 13.37
N LEU D 135 14.81 6.10 14.31
CA LEU D 135 13.73 5.15 14.10
C LEU D 135 12.36 5.85 14.07
N ALA D 136 11.65 5.66 12.97
CA ALA D 136 10.32 6.24 12.78
C ALA D 136 9.61 5.54 11.62
N ALA D 137 8.29 5.57 11.62
CA ALA D 137 7.54 4.92 10.57
C ALA D 137 8.03 5.36 9.19
N ARG D 138 8.28 6.64 9.00
CA ARG D 138 8.76 7.10 7.70
C ARG D 138 10.11 6.54 7.28
N ASN D 139 10.81 5.86 8.20
CA ASN D 139 12.13 5.30 7.89
C ASN D 139 12.14 3.79 7.69
N ILE D 140 10.97 3.17 7.63
CA ILE D 140 10.96 1.74 7.40
C ILE D 140 10.16 1.52 6.13
N LEU D 141 10.58 0.54 5.32
CA LEU D 141 9.91 0.26 4.05
C LEU D 141 9.09 -1.02 4.08
N VAL D 142 8.06 -1.06 3.23
CA VAL D 142 7.18 -2.22 3.17
C VAL D 142 7.20 -2.77 1.75
N ASN D 143 7.14 -4.10 1.63
CA ASN D 143 7.14 -4.72 0.31
C ASN D 143 5.78 -5.33 -0.01
N SER D 144 5.65 -5.86 -1.22
CA SER D 144 4.43 -6.48 -1.70
C SER D 144 3.74 -7.41 -0.69
N ASN D 145 4.53 -8.06 0.17
CA ASN D 145 3.97 -8.98 1.16
C ASN D 145 3.79 -8.35 2.54
N LEU D 146 3.85 -7.03 2.61
CA LEU D 146 3.68 -6.30 3.88
C LEU D 146 4.85 -6.47 4.85
N VAL D 147 5.91 -7.11 4.38
CA VAL D 147 7.09 -7.32 5.20
C VAL D 147 7.78 -5.98 5.38
N CYS D 148 8.01 -5.60 6.63
CA CYS D 148 8.65 -4.32 6.92
C CYS D 148 10.15 -4.44 7.15
N LYS D 149 10.88 -3.41 6.78
CA LYS D 149 12.34 -3.42 6.93
C LYS D 149 12.87 -2.05 7.35
N VAL D 150 13.87 -2.06 8.24
CA VAL D 150 14.46 -0.82 8.71
C VAL D 150 15.40 -0.21 7.70
N SER D 151 15.43 1.11 7.61
CA SER D 151 16.32 1.78 6.68
C SER D 151 16.73 3.13 7.20
N ASP D 152 17.48 3.85 6.39
CA ASP D 152 18.01 5.16 6.71
C ASP D 152 19.18 5.09 7.69
N PHE D 153 20.39 5.08 7.16
CA PHE D 153 21.58 5.05 8.00
C PHE D 153 22.54 6.20 7.64
N GLY D 154 22.37 7.35 8.30
CA GLY D 154 23.21 8.50 8.03
C GLY D 154 24.67 8.36 8.43
N PRO D 177 14.36 14.27 15.11
CA PRO D 177 12.90 14.20 15.29
C PRO D 177 12.59 14.07 16.76
N ILE D 178 12.37 15.22 17.38
CA ILE D 178 12.08 15.34 18.82
C ILE D 178 11.00 14.40 19.32
N ARG D 179 9.82 14.43 18.71
CA ARG D 179 8.73 13.59 19.16
C ARG D 179 8.93 12.09 18.95
N TRP D 180 10.10 11.68 18.47
CA TRP D 180 10.43 10.28 18.21
C TRP D 180 11.60 9.85 19.08
N THR D 181 12.22 10.83 19.73
CA THR D 181 13.40 10.58 20.53
C THR D 181 13.14 10.54 22.02
N ALA D 182 13.89 9.70 22.71
CA ALA D 182 13.71 9.60 24.16
C ALA D 182 14.30 10.83 24.86
N PRO D 183 13.76 11.15 26.04
CA PRO D 183 14.21 12.30 26.82
C PRO D 183 15.72 12.39 27.04
N GLU D 184 16.36 11.27 27.38
CA GLU D 184 17.79 11.30 27.63
C GLU D 184 18.55 11.67 26.37
N ALA D 185 18.10 11.16 25.24
CA ALA D 185 18.79 11.47 23.99
C ALA D 185 18.57 12.92 23.57
N ILE D 186 17.43 13.48 23.98
CA ILE D 186 17.11 14.87 23.66
C ILE D 186 17.85 15.82 24.59
N GLN D 187 17.80 15.58 25.89
CA GLN D 187 18.43 16.49 26.82
C GLN D 187 19.95 16.32 26.96
N TYR D 188 20.44 15.09 26.92
CA TYR D 188 21.87 14.85 27.09
C TYR D 188 22.57 14.14 25.96
N ARG D 189 21.90 14.01 24.82
CA ARG D 189 22.48 13.34 23.66
C ARG D 189 22.97 11.94 23.98
N LYS D 190 22.28 11.23 24.88
CA LYS D 190 22.66 9.87 25.25
C LYS D 190 21.88 8.88 24.40
N PHE D 191 22.39 8.55 23.21
CA PHE D 191 21.69 7.60 22.35
C PHE D 191 22.16 6.16 22.60
N THR D 192 21.20 5.28 22.84
CA THR D 192 21.48 3.88 23.10
C THR D 192 20.39 3.04 22.49
N SER D 193 20.49 1.72 22.61
CA SER D 193 19.45 0.85 22.07
C SER D 193 18.18 1.10 22.85
N ALA D 194 18.30 1.52 24.11
CA ALA D 194 17.12 1.80 24.92
C ALA D 194 16.40 3.03 24.36
N SER D 195 17.14 3.97 23.80
CA SER D 195 16.49 5.14 23.23
C SER D 195 15.79 4.74 21.93
N ASP D 196 16.36 3.77 21.22
CA ASP D 196 15.74 3.26 19.98
C ASP D 196 14.44 2.53 20.35
N VAL D 197 14.38 1.91 21.53
CA VAL D 197 13.16 1.22 21.94
C VAL D 197 12.07 2.27 22.16
N TRP D 198 12.44 3.40 22.74
CA TRP D 198 11.48 4.48 22.94
C TRP D 198 10.91 4.81 21.57
N SER D 199 11.81 5.01 20.59
CA SER D 199 11.37 5.31 19.24
C SER D 199 10.44 4.19 18.74
N TYR D 200 10.85 2.95 18.95
CA TYR D 200 10.03 1.81 18.52
C TYR D 200 8.63 1.97 19.10
N GLY D 201 8.55 2.47 20.33
CA GLY D 201 7.28 2.68 20.96
C GLY D 201 6.44 3.61 20.12
N ILE D 202 7.01 4.76 19.74
CA ILE D 202 6.32 5.74 18.91
C ILE D 202 5.89 5.07 17.59
N VAL D 203 6.79 4.32 16.98
CA VAL D 203 6.48 3.63 15.73
C VAL D 203 5.25 2.75 15.93
N MET D 204 5.15 2.10 17.09
CA MET D 204 4.00 1.25 17.38
C MET D 204 2.73 2.09 17.31
N TRP D 205 2.79 3.27 17.92
CA TRP D 205 1.65 4.17 17.94
C TRP D 205 1.28 4.66 16.54
N GLU D 206 2.29 4.81 15.68
CA GLU D 206 2.02 5.26 14.31
C GLU D 206 1.30 4.15 13.55
N VAL D 207 1.76 2.92 13.72
CA VAL D 207 1.15 1.83 13.01
C VAL D 207 -0.30 1.63 13.42
N MET D 208 -0.55 1.52 14.73
CA MET D 208 -1.91 1.32 15.21
C MET D 208 -2.86 2.49 14.97
N SER D 209 -2.32 3.61 14.48
CA SER D 209 -3.10 4.81 14.19
C SER D 209 -3.00 5.11 12.69
N TYR D 210 -2.50 4.15 11.93
CA TYR D 210 -2.39 4.28 10.50
C TYR D 210 -1.74 5.56 10.00
N GLY D 211 -0.46 5.73 10.35
CA GLY D 211 0.29 6.90 9.91
C GLY D 211 -0.07 8.26 10.46
N GLU D 212 -0.61 8.30 11.67
CA GLU D 212 -0.96 9.58 12.26
C GLU D 212 0.30 10.22 12.85
N ARG D 213 0.33 11.54 12.90
CA ARG D 213 1.49 12.26 13.43
C ARG D 213 1.56 12.19 14.96
N PRO D 214 2.66 11.64 15.50
CA PRO D 214 2.80 11.54 16.96
C PRO D 214 2.59 12.90 17.63
N TYR D 215 1.71 12.94 18.64
CA TYR D 215 1.38 14.15 19.38
C TYR D 215 0.63 15.16 18.51
N TRP D 216 0.20 14.69 17.34
CA TRP D 216 -0.55 15.51 16.41
C TRP D 216 0.06 16.86 16.15
N ASP D 217 -0.72 17.91 16.39
CA ASP D 217 -0.29 19.29 16.17
C ASP D 217 0.51 19.91 17.30
N MET D 218 0.78 19.14 18.35
CA MET D 218 1.57 19.65 19.47
C MET D 218 2.94 20.06 18.93
N THR D 219 3.47 21.13 19.50
CA THR D 219 4.78 21.62 19.10
C THR D 219 5.85 20.82 19.84
N ASN D 220 7.06 20.81 19.28
CA ASN D 220 8.16 20.10 19.88
C ASN D 220 8.35 20.44 21.35
N GLN D 221 8.11 21.70 21.72
CA GLN D 221 8.28 22.08 23.11
C GLN D 221 7.12 21.57 23.95
N ASP D 222 5.93 21.52 23.38
CA ASP D 222 4.78 21.01 24.12
C ASP D 222 4.97 19.53 24.43
N VAL D 223 5.52 18.81 23.46
CA VAL D 223 5.77 17.39 23.63
C VAL D 223 6.76 17.22 24.77
N ILE D 224 7.91 17.85 24.65
CA ILE D 224 8.93 17.76 25.68
C ILE D 224 8.33 18.05 27.05
N ASN D 225 7.55 19.12 27.15
CA ASN D 225 6.95 19.46 28.41
C ASN D 225 6.02 18.37 28.90
N ALA D 226 5.21 17.87 27.98
CA ALA D 226 4.25 16.81 28.28
C ALA D 226 4.95 15.57 28.81
N ILE D 227 5.96 15.11 28.08
CA ILE D 227 6.71 13.94 28.48
C ILE D 227 7.26 14.12 29.88
N GLU D 228 7.83 15.29 30.15
CA GLU D 228 8.40 15.62 31.46
C GLU D 228 7.33 15.57 32.54
N GLN D 229 6.07 15.76 32.13
CA GLN D 229 4.93 15.72 33.05
C GLN D 229 4.35 14.31 33.12
N ASP D 230 5.13 13.31 32.72
CA ASP D 230 4.71 11.90 32.73
C ASP D 230 3.53 11.63 31.81
N TYR D 231 3.35 12.48 30.82
CA TYR D 231 2.27 12.31 29.86
C TYR D 231 2.67 11.29 28.82
N ARG D 232 1.69 10.51 28.37
CA ARG D 232 1.95 9.50 27.34
C ARG D 232 0.76 9.42 26.39
N LEU D 233 1.07 9.28 25.10
CA LEU D 233 0.05 9.20 24.07
C LEU D 233 -0.95 8.12 24.43
N PRO D 234 -2.25 8.42 24.27
CA PRO D 234 -3.38 7.53 24.55
C PRO D 234 -3.46 6.37 23.57
N PRO D 235 -4.25 5.34 23.90
CA PRO D 235 -4.40 4.18 23.02
C PRO D 235 -5.14 4.58 21.76
N PRO D 236 -4.56 4.27 20.59
CA PRO D 236 -5.22 4.63 19.34
C PRO D 236 -6.63 4.04 19.27
N MET D 237 -7.33 4.33 18.18
CA MET D 237 -8.68 3.82 17.98
C MET D 237 -8.62 2.33 17.63
N ASP D 238 -9.43 1.54 18.35
CA ASP D 238 -9.50 0.10 18.14
C ASP D 238 -8.16 -0.59 18.33
N CYS D 239 -7.37 -0.06 19.26
CA CYS D 239 -6.05 -0.58 19.56
C CYS D 239 -6.06 -1.37 20.85
N PRO D 240 -5.72 -2.66 20.78
CA PRO D 240 -5.68 -3.54 21.93
C PRO D 240 -4.87 -2.94 23.06
N SER D 241 -5.44 -2.94 24.24
CA SER D 241 -4.77 -2.39 25.41
C SER D 241 -3.41 -3.07 25.63
N ALA D 242 -3.30 -4.32 25.20
CA ALA D 242 -2.05 -5.04 25.37
C ALA D 242 -0.95 -4.36 24.55
N LEU D 243 -1.29 -3.89 23.35
CA LEU D 243 -0.31 -3.22 22.49
C LEU D 243 0.04 -1.83 23.04
N HIS D 244 -0.96 -1.15 23.61
CA HIS D 244 -0.75 0.17 24.18
C HIS D 244 0.13 0.05 25.43
N GLN D 245 -0.05 -1.03 26.21
CA GLN D 245 0.74 -1.23 27.42
C GLN D 245 2.21 -1.45 27.05
N LEU D 246 2.43 -2.08 25.90
CA LEU D 246 3.76 -2.34 25.39
C LEU D 246 4.35 -0.99 25.02
N MET D 247 3.49 -0.09 24.54
CA MET D 247 3.94 1.24 24.17
C MET D 247 4.38 1.98 25.41
N LEU D 248 3.55 1.94 26.46
CA LEU D 248 3.91 2.63 27.70
C LEU D 248 5.18 2.06 28.28
N ASP D 249 5.43 0.77 28.04
CA ASP D 249 6.65 0.14 28.55
C ASP D 249 7.87 0.68 27.81
N CYS D 250 7.74 0.88 26.50
CA CYS D 250 8.84 1.41 25.69
C CYS D 250 9.10 2.87 26.05
N TRP D 251 8.09 3.55 26.61
CA TRP D 251 8.22 4.95 26.97
C TRP D 251 8.47 5.20 28.46
N GLN D 252 9.23 4.31 29.09
CA GLN D 252 9.56 4.46 30.51
C GLN D 252 10.65 5.52 30.69
N LYS D 253 10.40 6.50 31.57
CA LYS D 253 11.38 7.57 31.80
C LYS D 253 12.78 6.99 31.96
N ASP D 254 12.90 6.00 32.84
CA ASP D 254 14.20 5.37 33.08
C ASP D 254 14.49 4.37 31.96
N ARG D 255 15.45 4.71 31.11
CA ARG D 255 15.83 3.84 30.01
C ARG D 255 16.11 2.39 30.44
N ASN D 256 16.67 2.20 31.63
CA ASN D 256 16.99 0.86 32.12
C ASN D 256 15.77 -0.03 32.34
N HIS D 257 14.64 0.58 32.71
CA HIS D 257 13.40 -0.13 32.95
C HIS D 257 12.63 -0.44 31.68
N ARG D 258 13.22 -0.15 30.52
CA ARG D 258 12.55 -0.41 29.27
C ARG D 258 12.86 -1.81 28.76
N PRO D 259 11.99 -2.32 27.88
CA PRO D 259 12.19 -3.65 27.31
C PRO D 259 13.27 -3.61 26.24
N LYS D 260 14.02 -4.71 26.10
CA LYS D 260 15.07 -4.80 25.08
C LYS D 260 14.38 -5.33 23.82
N PHE D 261 14.95 -5.09 22.65
CA PHE D 261 14.31 -5.57 21.44
C PHE D 261 14.14 -7.10 21.39
N GLY D 262 14.90 -7.81 22.21
CA GLY D 262 14.76 -9.26 22.25
C GLY D 262 13.46 -9.58 22.98
N GLN D 263 13.23 -8.89 24.09
CA GLN D 263 12.02 -9.07 24.91
C GLN D 263 10.79 -8.58 24.13
N ILE D 264 10.97 -7.51 23.36
CA ILE D 264 9.87 -6.96 22.57
C ILE D 264 9.39 -8.05 21.61
N VAL D 265 10.33 -8.69 20.93
CA VAL D 265 9.99 -9.75 20.00
C VAL D 265 9.29 -10.91 20.72
N ASN D 266 9.81 -11.32 21.88
CA ASN D 266 9.21 -12.41 22.65
C ASN D 266 7.78 -12.08 23.07
N THR D 267 7.53 -10.81 23.36
CA THR D 267 6.18 -10.36 23.78
C THR D 267 5.25 -10.34 22.58
N LEU D 268 5.69 -9.74 21.48
CA LEU D 268 4.89 -9.66 20.26
C LEU D 268 4.54 -11.04 19.71
N ASP D 269 5.42 -12.02 19.92
CA ASP D 269 5.13 -13.37 19.43
C ASP D 269 4.06 -14.04 20.28
N LYS D 270 4.13 -13.83 21.58
CA LYS D 270 3.15 -14.43 22.48
C LYS D 270 1.75 -13.93 22.08
N MET D 271 1.68 -12.77 21.43
CA MET D 271 0.40 -12.24 21.00
C MET D 271 -0.09 -12.95 19.74
N ILE D 272 0.84 -13.16 18.80
CA ILE D 272 0.51 -13.82 17.54
C ILE D 272 0.03 -15.24 17.79
N ARG D 273 0.70 -15.92 18.73
CA ARG D 273 0.35 -17.28 19.10
C ARG D 273 -1.10 -17.39 19.50
N ASN D 274 -1.47 -16.69 20.57
CA ASN D 274 -2.85 -16.70 21.04
C ASN D 274 -3.49 -15.33 20.88
N PRO D 275 -4.18 -15.11 19.75
CA PRO D 275 -4.85 -13.85 19.43
C PRO D 275 -5.84 -13.39 20.49
N ASN D 276 -6.15 -14.25 21.47
CA ASN D 276 -7.10 -13.88 22.52
C ASN D 276 -6.44 -13.01 23.59
N SER D 277 -5.43 -12.25 23.19
CA SER D 277 -4.73 -11.36 24.08
C SER D 277 -4.88 -9.95 23.55
N LEU D 278 -5.07 -9.87 22.23
CA LEU D 278 -5.24 -8.60 21.55
C LEU D 278 -6.75 -8.34 21.40
N LYS D 279 -7.50 -8.75 22.42
CA LYS D 279 -8.95 -8.60 22.44
C LYS D 279 -9.48 -7.42 23.27
N ALA D 280 -8.93 -7.23 24.48
CA ALA D 280 -9.34 -6.14 25.37
C ALA D 280 -9.05 -4.77 24.76
N MET D 281 -9.90 -3.78 25.06
CA MET D 281 -9.73 -2.42 24.54
C MET D 281 -9.67 -1.40 25.69
MG MG E . -8.38 -8.88 -30.37
PB ADP F . -4.95 -7.46 -30.19
O1B ADP F . -5.54 -8.01 -28.94
O2B ADP F . -3.59 -6.86 -30.01
O3B ADP F . -4.98 -8.54 -31.36
PA ADP F . -6.81 -6.01 -31.84
O1A ADP F . -6.00 -6.42 -33.04
O2A ADP F . -8.14 -6.66 -31.67
O3A ADP F . -5.92 -6.25 -30.57
O5' ADP F . -6.86 -4.45 -31.95
C5' ADP F . -7.58 -3.66 -30.97
C4' ADP F . -8.73 -2.89 -31.60
O4' ADP F . -8.20 -2.05 -32.65
C3' ADP F . -9.82 -3.73 -32.29
O3' ADP F . -10.79 -4.11 -31.28
C2' ADP F . -10.31 -2.79 -33.39
O2' ADP F . -11.40 -1.94 -32.98
C1' ADP F . -9.08 -1.93 -33.77
N9 ADP F . -8.41 -2.46 -34.99
C8 ADP F . -7.46 -3.43 -35.05
N7 ADP F . -7.05 -3.69 -36.30
C5 ADP F . -7.78 -2.85 -37.06
C6 ADP F . -7.81 -2.67 -38.48
N6 ADP F . -7.09 -3.30 -39.33
N1 ADP F . -8.70 -1.69 -38.91
C2 ADP F . -9.52 -0.96 -38.05
N3 ADP F . -9.50 -1.13 -36.72
C4 ADP F . -8.64 -2.08 -36.28
MG MG G . -41.47 -11.15 -4.15
PB ADP H . -38.97 -12.21 -1.49
O1B ADP H . -39.21 -13.65 -1.80
O2B ADP H . -37.71 -11.99 -0.72
O3B ADP H . -39.06 -11.31 -2.79
PA ADP H . -41.33 -10.71 -0.57
O1A ADP H . -40.69 -9.35 -0.76
O2A ADP H . -42.36 -11.12 -1.60
O3A ADP H . -40.16 -11.79 -0.48
O5' ADP H . -41.88 -10.65 0.91
C5' ADP H . -42.58 -11.79 1.49
C4' ADP H . -43.82 -11.37 2.25
O4' ADP H . -43.43 -10.38 3.23
C3' ADP H . -44.90 -10.67 1.43
O3' ADP H . -45.73 -11.67 0.79
C2' ADP H . -45.57 -9.77 2.49
O2' ADP H . -46.62 -10.41 3.26
C1' ADP H . -44.41 -9.37 3.42
N9 ADP H . -43.83 -8.03 3.04
C8 ADP H . -42.78 -7.79 2.19
N7 ADP H . -42.51 -6.49 2.05
C5 ADP H . -43.42 -5.88 2.84
C6 ADP H . -43.66 -4.48 3.11
N6 ADP H . -42.99 -3.49 2.63
N1 ADP H . -44.71 -4.24 3.98
C2 ADP H . -45.48 -5.26 4.55
N3 ADP H . -45.28 -6.55 4.31
C4 ADP H . -44.26 -6.82 3.46
MG MG I . 49.48 14.18 29.54
PB ADP J . 52.87 12.53 28.35
O1B ADP J . 52.44 12.73 26.95
O2B ADP J . 54.36 12.26 28.49
O3B ADP J . 52.39 13.72 29.28
PA ADP J . 51.09 10.93 29.93
O1A ADP J . 51.58 11.65 31.18
O2A ADP J . 49.70 11.28 29.46
O3A ADP J . 52.13 11.19 28.80
O5' ADP J . 51.31 9.43 30.31
C5' ADP J . 50.95 8.38 29.37
C4' ADP J . 50.02 7.35 30.01
O4' ADP J . 50.77 6.64 31.04
C3' ADP J . 48.79 7.93 30.75
O3' ADP J . 47.71 8.02 29.80
C2' ADP J . 48.59 6.94 31.91
O2' ADP J . 47.67 5.88 31.59
C1' ADP J . 50.00 6.36 32.19
N9 ADP J . 50.61 7.03 33.39
C8 ADP J . 51.32 8.19 33.41
N7 ADP J . 51.73 8.53 34.64
C5 ADP J . 51.23 7.55 35.42
C6 ADP J . 51.33 7.34 36.85
N6 ADP J . 51.92 8.13 37.67
N1 ADP J . 50.70 6.21 37.30
C2 ADP J . 50.03 5.32 36.46
N3 ADP J . 49.93 5.49 35.13
C4 ADP J . 50.55 6.60 34.67
MG MG K . 14.33 8.23 5.12
PB ADP L . 16.24 9.83 2.35
O1B ADP L . 15.73 11.16 2.77
O2B ADP L . 17.42 9.91 1.42
O3B ADP L . 16.53 8.89 3.60
PA ADP L . 14.17 7.91 1.67
O1A ADP L . 15.09 6.73 1.85
O2A ADP L . 13.12 8.14 2.74
O3A ADP L . 15.05 9.20 1.49
O5' ADP L . 13.55 7.66 0.24
C5' ADP L . 12.59 8.58 -0.33
C4' ADP L . 11.42 7.87 -0.96
O4' ADP L . 11.94 6.97 -1.98
C3' ADP L . 10.60 6.96 -0.04
O3' ADP L . 9.62 7.77 0.63
C2' ADP L . 10.06 5.90 -1.04
O2' ADP L . 8.82 6.27 -1.69
C1' ADP L . 11.17 5.77 -2.08
N9 ADP L . 12.03 4.57 -1.78
C8 ADP L . 13.16 4.54 -1.02
N7 ADP L . 13.71 3.33 -0.94
C5 ADP L . 12.87 2.55 -1.66
C6 ADP L . 12.94 1.15 -2.00
N6 ADP L . 13.84 0.33 -1.56
N1 ADP L . 11.91 0.70 -2.80
C2 ADP L . 10.91 1.53 -3.29
N3 ADP L . 10.83 2.85 -3.01
C4 ADP L . 11.85 3.31 -2.24
#